data_1PNK
#
_entry.id   1PNK
#
_cell.length_a   52.120
_cell.length_b   65.080
_cell.length_c   76.300
_cell.angle_alpha   100.20
_cell.angle_beta   111.44
_cell.angle_gamma   105.81
#
_symmetry.space_group_name_H-M   'P 1'
#
loop_
_entity.id
_entity.type
_entity.pdbx_description
1 polymer 'PENICILLIN AMIDOHYDROLASE'
2 polymer 'PENICILLIN AMIDOHYDROLASE'
3 non-polymer 'CALCIUM ION'
4 water water
#
loop_
_entity_poly.entity_id
_entity_poly.type
_entity_poly.pdbx_seq_one_letter_code
_entity_poly.pdbx_strand_id
1 'polypeptide(L)'
;EQSSSEIKIVRDEYGMPHIYANDTWHLFYGYGYVVAQDRLFQMEMARRSTQGTVAEVLGKDFVKFDKDIRRNYWPDAIRA
QIAALSPEDMSILQGYADGMNAWIDKVNTNPETLLPKQFNTFGFTPKRWEPFDVAMIFVGTMANRFSDSTSEIDNLALLT
ALKDKYGVSQGMAVFNQLKWLVNPSAPTTIAVQESNYPLKFNQQNSQTA
;
A
2 'polypeptide(L)'
;SNMWVIGKSKAQDAKAIMVNGPQFGWYAPAYTYGIGLHGAGYDVTGNTPFAYPGLVFGHNGVISWGSTAGFGDDVDIFAE
RLSAEKPGYYLHNGKWVKMLSREETITVKNGQAETFTVWRTVHGNILQTDQTTQTAYAKSRAWDGKEVASLLAWTHQMKA
KNWQEWTQQAAKQALTINWYYADVNGNIGYVHTGAYPDRQSGHDPRLPVPGTGKWDWKGLLPFEMNPKVYNPQSGYIANW
NNSPQKDYPASDLFAFLWGGADRVTEIDRLLEQKPRLTADQAWDVIRQTSRQDLNLRLFLPTLQAATSGLTQSDPRRQLV
ETLTRWDGINLLNDDGKTWQQPGSAILNVWLTSMLKRTVVAAVPMPFDKWYSASGYETTQDGPTGSLNISVGAKILYEAV
QGDKSPIPQAVDLFAGKPQQEVVLAALEDTWETLSKRYGNNVSNWKTPAMALTFRANNFFGVPQAAAEETRHQAEYQNRG
TENDMIVFSPTTSDRPVLAWDVVAPGQSGFIAPDGTVDKHYEDQLKMYENFGRKSLWLTKQDVEAHKESQEVLHVQR
;
B
#
loop_
_chem_comp.id
_chem_comp.type
_chem_comp.name
_chem_comp.formula
CA non-polymer 'CALCIUM ION' 'Ca 2'
#
# COMPACT_ATOMS: atom_id res chain seq x y z
N SER A 3 2.57 40.94 -2.71
CA SER A 3 1.85 40.99 -1.42
C SER A 3 1.81 39.63 -0.71
N SER A 4 1.57 39.77 0.59
CA SER A 4 1.42 38.76 1.64
C SER A 4 -0.02 38.23 1.67
N SER A 5 -0.95 39.01 1.14
CA SER A 5 -2.35 38.66 1.08
C SER A 5 -2.65 37.87 -0.21
N GLU A 6 -1.73 37.99 -1.15
CA GLU A 6 -1.86 37.39 -2.46
C GLU A 6 -1.50 35.91 -2.60
N ILE A 7 -2.41 35.23 -3.26
CA ILE A 7 -2.29 33.78 -3.58
C ILE A 7 -2.49 33.61 -5.08
N LYS A 8 -1.50 33.32 -5.87
CA LYS A 8 -1.63 33.12 -7.31
C LYS A 8 -1.72 31.59 -7.58
N ILE A 9 -2.73 31.23 -8.36
CA ILE A 9 -2.98 29.81 -8.76
C ILE A 9 -2.85 29.60 -10.27
N VAL A 10 -1.79 28.98 -10.74
CA VAL A 10 -1.58 28.67 -12.17
C VAL A 10 -1.85 27.19 -12.45
N ARG A 11 -2.74 26.88 -13.38
CA ARG A 11 -3.02 25.47 -13.77
C ARG A 11 -2.29 25.17 -15.06
N ASP A 12 -1.71 23.96 -15.17
CA ASP A 12 -1.01 23.64 -16.44
C ASP A 12 -1.98 22.99 -17.45
N GLU A 13 -1.40 22.56 -18.56
CA GLU A 13 -2.17 21.88 -19.64
C GLU A 13 -2.90 20.62 -19.17
N TYR A 14 -2.61 20.04 -18.00
CA TYR A 14 -3.33 18.88 -17.48
C TYR A 14 -4.21 19.33 -16.34
N GLY A 15 -4.22 20.66 -16.06
CA GLY A 15 -5.12 21.03 -14.96
C GLY A 15 -4.38 20.96 -13.64
N MET A 16 -3.11 20.62 -13.66
CA MET A 16 -2.36 20.52 -12.38
C MET A 16 -2.11 21.94 -11.82
N PRO A 17 -2.59 22.19 -10.62
CA PRO A 17 -2.39 23.49 -9.97
C PRO A 17 -1.04 23.65 -9.32
N HIS A 18 -0.52 24.89 -9.44
CA HIS A 18 0.73 25.43 -8.88
C HIS A 18 0.41 26.68 -8.00
N ILE A 19 0.81 26.62 -6.74
CA ILE A 19 0.53 27.67 -5.74
C ILE A 19 1.77 28.47 -5.40
N TYR A 20 1.54 29.79 -5.55
CA TYR A 20 2.54 30.87 -5.31
C TYR A 20 1.94 31.71 -4.17
N ALA A 21 2.65 31.71 -3.05
CA ALA A 21 2.25 32.37 -1.79
C ALA A 21 3.49 32.69 -0.97
N ASN A 22 3.34 33.69 -0.09
CA ASN A 22 4.48 34.21 0.69
C ASN A 22 4.65 33.63 2.08
N ASP A 23 3.56 33.07 2.55
CA ASP A 23 3.68 32.50 3.92
C ASP A 23 2.96 31.12 3.87
N THR A 24 3.19 30.47 5.01
CA THR A 24 2.64 29.13 5.23
C THR A 24 1.13 29.14 5.17
N TRP A 25 0.46 29.97 5.96
CA TRP A 25 -1.01 29.94 5.94
C TRP A 25 -1.61 30.16 4.55
N HIS A 26 -1.07 31.12 3.80
CA HIS A 26 -1.48 31.48 2.45
C HIS A 26 -1.15 30.33 1.48
N LEU A 27 0.02 29.74 1.59
CA LEU A 27 0.41 28.56 0.77
C LEU A 27 -0.56 27.37 0.96
N PHE A 28 -0.85 26.97 2.19
CA PHE A 28 -1.78 25.83 2.41
C PHE A 28 -3.23 26.18 2.13
N TYR A 29 -3.50 27.54 2.21
CA TYR A 29 -4.89 27.97 1.90
C TYR A 29 -5.17 27.71 0.41
N GLY A 30 -4.22 28.06 -0.42
CA GLY A 30 -4.17 27.90 -1.89
C GLY A 30 -4.41 26.38 -2.21
N TYR A 31 -3.59 25.53 -1.59
CA TYR A 31 -3.72 24.04 -1.74
C TYR A 31 -5.13 23.60 -1.40
N GLY A 32 -5.65 23.88 -0.21
CA GLY A 32 -6.99 23.57 0.25
C GLY A 32 -8.10 23.95 -0.73
N TYR A 33 -7.96 25.16 -1.29
CA TYR A 33 -8.87 25.80 -2.26
C TYR A 33 -8.98 25.01 -3.56
N VAL A 34 -7.83 24.69 -4.19
CA VAL A 34 -7.85 23.88 -5.44
C VAL A 34 -8.36 22.45 -5.19
N VAL A 35 -8.04 21.86 -4.03
CA VAL A 35 -8.58 20.53 -3.71
C VAL A 35 -10.09 20.57 -3.66
N ALA A 36 -10.69 21.61 -3.06
CA ALA A 36 -12.14 21.77 -2.97
C ALA A 36 -12.70 21.99 -4.40
N GLN A 37 -11.92 22.62 -5.26
CA GLN A 37 -12.35 22.81 -6.65
C GLN A 37 -12.42 21.48 -7.45
N ASP A 38 -11.32 20.73 -7.34
CA ASP A 38 -11.15 19.44 -8.06
C ASP A 38 -11.80 18.18 -7.55
N ARG A 39 -11.69 18.00 -6.23
CA ARG A 39 -12.14 16.76 -5.57
C ARG A 39 -13.03 16.83 -4.37
N LEU A 40 -14.04 17.72 -4.37
CA LEU A 40 -14.87 17.87 -3.18
C LEU A 40 -15.71 16.66 -2.78
N PHE A 41 -16.37 15.99 -3.71
CA PHE A 41 -17.18 14.82 -3.29
C PHE A 41 -16.25 13.72 -2.72
N GLN A 42 -15.16 13.50 -3.42
CA GLN A 42 -14.18 12.46 -3.00
C GLN A 42 -13.68 12.74 -1.60
N MET A 43 -13.28 14.01 -1.37
CA MET A 43 -12.77 14.46 -0.06
C MET A 43 -13.78 14.37 1.07
N GLU A 44 -15.00 14.72 0.70
CA GLU A 44 -16.12 14.68 1.66
C GLU A 44 -16.39 13.22 2.11
N MET A 45 -16.35 12.28 1.12
CA MET A 45 -16.63 10.84 1.37
C MET A 45 -15.45 10.22 2.13
N ALA A 46 -14.27 10.69 1.82
CA ALA A 46 -13.02 10.30 2.50
C ALA A 46 -13.12 10.85 3.95
N ARG A 47 -13.67 12.09 4.12
CA ARG A 47 -13.80 12.50 5.55
C ARG A 47 -14.77 11.62 6.30
N ARG A 48 -15.92 11.27 5.77
CA ARG A 48 -16.88 10.39 6.49
C ARG A 48 -16.42 8.92 6.76
N SER A 49 -15.62 8.44 5.84
CA SER A 49 -14.99 7.07 5.88
C SER A 49 -13.99 6.97 7.03
N THR A 50 -13.13 7.97 7.17
CA THR A 50 -12.07 8.04 8.19
C THR A 50 -12.59 8.38 9.59
N GLN A 51 -13.80 8.87 9.73
CA GLN A 51 -14.38 9.25 11.04
C GLN A 51 -15.54 8.36 11.39
N GLY A 52 -15.99 7.50 10.44
CA GLY A 52 -17.11 6.62 10.70
C GLY A 52 -18.43 7.40 10.72
N THR A 53 -18.66 8.20 9.68
CA THR A 53 -19.94 8.95 9.59
C THR A 53 -20.70 8.70 8.30
N VAL A 54 -20.53 7.52 7.67
CA VAL A 54 -21.19 7.15 6.42
C VAL A 54 -22.66 6.81 6.58
N ALA A 55 -23.10 6.15 7.63
CA ALA A 55 -24.50 5.77 7.82
C ALA A 55 -25.41 7.02 7.85
N GLU A 56 -24.89 8.16 8.31
CA GLU A 56 -25.68 9.41 8.38
C GLU A 56 -26.29 9.79 7.04
N VAL A 57 -25.49 9.73 6.00
CA VAL A 57 -25.95 10.09 4.67
C VAL A 57 -26.29 8.83 3.87
N LEU A 58 -25.64 7.69 4.18
CA LEU A 58 -25.92 6.50 3.35
C LEU A 58 -26.80 5.49 4.04
N GLY A 59 -27.08 5.47 5.30
CA GLY A 59 -28.00 4.43 5.76
C GLY A 59 -27.44 3.25 6.46
N LYS A 60 -28.36 2.37 6.76
CA LYS A 60 -28.35 1.11 7.50
C LYS A 60 -27.18 0.17 7.23
N ASP A 61 -26.83 0.08 5.97
CA ASP A 61 -25.76 -0.78 5.46
C ASP A 61 -24.37 -0.40 6.00
N PHE A 62 -24.18 0.88 6.36
CA PHE A 62 -22.88 1.32 6.88
C PHE A 62 -22.79 1.41 8.39
N VAL A 63 -23.76 1.01 9.18
CA VAL A 63 -23.68 1.08 10.65
C VAL A 63 -22.49 0.26 11.16
N LYS A 64 -22.36 -1.01 10.69
CA LYS A 64 -21.24 -1.87 11.15
C LYS A 64 -19.91 -1.22 10.74
N PHE A 65 -19.77 -0.72 9.51
CA PHE A 65 -18.58 -0.02 9.05
C PHE A 65 -18.21 1.16 9.97
N ASP A 66 -19.21 2.00 10.25
CA ASP A 66 -19.09 3.21 11.11
C ASP A 66 -18.63 2.78 12.51
N LYS A 67 -19.26 1.79 13.12
CA LYS A 67 -18.83 1.30 14.44
C LYS A 67 -17.40 0.78 14.40
N ASP A 68 -17.02 0.01 13.38
CA ASP A 68 -15.65 -0.52 13.25
C ASP A 68 -14.65 0.64 13.13
N ILE A 69 -14.92 1.63 12.30
CA ILE A 69 -14.00 2.80 12.22
C ILE A 69 -13.84 3.48 13.59
N ARG A 70 -14.91 3.84 14.28
CA ARG A 70 -14.85 4.53 15.59
C ARG A 70 -14.11 3.74 16.67
N ARG A 71 -14.30 2.39 16.77
CA ARG A 71 -13.59 1.53 17.72
C ARG A 71 -12.07 1.39 17.51
N ASN A 72 -11.58 1.76 16.33
CA ASN A 72 -10.15 1.66 15.99
C ASN A 72 -9.32 2.93 16.25
N TYR A 73 -9.88 3.97 16.89
CA TYR A 73 -9.06 5.14 17.21
C TYR A 73 -9.67 5.84 18.43
N TRP A 74 -8.86 6.80 18.91
CA TRP A 74 -9.18 7.65 20.07
C TRP A 74 -9.09 9.14 19.65
N PRO A 75 -10.25 9.68 19.28
CA PRO A 75 -10.30 11.08 18.76
C PRO A 75 -9.58 12.12 19.62
N ASP A 76 -9.80 12.03 20.93
CA ASP A 76 -9.20 12.91 21.95
C ASP A 76 -7.68 12.86 21.89
N ALA A 77 -7.06 11.71 21.60
CA ALA A 77 -5.61 11.62 21.50
C ALA A 77 -5.07 12.40 20.28
N ILE A 78 -5.87 12.47 19.23
CA ILE A 78 -5.55 13.19 18.00
C ILE A 78 -5.65 14.74 18.24
N ARG A 79 -6.70 15.15 18.95
CA ARG A 79 -6.92 16.60 19.28
C ARG A 79 -5.79 17.18 20.11
N ALA A 80 -5.31 16.39 21.07
CA ALA A 80 -4.19 16.70 21.97
C ALA A 80 -2.91 16.86 21.18
N GLN A 81 -2.73 16.07 20.11
CA GLN A 81 -1.50 16.27 19.31
C GLN A 81 -1.64 17.56 18.50
N ILE A 82 -2.84 17.89 18.10
CA ILE A 82 -3.05 19.12 17.30
C ILE A 82 -2.79 20.35 18.20
N ALA A 83 -3.35 20.29 19.40
CA ALA A 83 -3.23 21.36 20.42
C ALA A 83 -1.79 21.66 20.79
N ALA A 84 -0.90 20.69 20.73
CA ALA A 84 0.51 20.80 21.04
C ALA A 84 1.31 21.32 19.85
N LEU A 85 0.72 21.55 18.67
CA LEU A 85 1.57 22.06 17.59
C LEU A 85 1.98 23.52 17.79
N SER A 86 3.11 23.76 17.14
CA SER A 86 3.65 25.14 17.10
C SER A 86 2.79 25.87 16.08
N PRO A 87 2.73 27.21 16.19
CA PRO A 87 1.99 28.07 15.28
C PRO A 87 2.45 27.89 13.84
N GLU A 88 3.69 27.69 13.48
CA GLU A 88 4.09 27.46 12.09
C GLU A 88 3.51 26.08 11.66
N ASP A 89 3.61 25.06 12.51
CA ASP A 89 3.04 23.73 12.16
C ASP A 89 1.54 23.78 12.03
N MET A 90 0.89 24.42 12.98
CA MET A 90 -0.54 24.64 13.06
C MET A 90 -1.08 25.37 11.81
N SER A 91 -0.36 26.30 11.21
CA SER A 91 -0.70 27.05 10.01
C SER A 91 -1.01 26.21 8.74
N ILE A 92 -0.17 25.17 8.63
CA ILE A 92 -0.34 24.15 7.56
C ILE A 92 -1.77 23.60 7.55
N LEU A 93 -2.14 23.11 8.73
CA LEU A 93 -3.45 22.49 8.94
C LEU A 93 -4.64 23.45 8.89
N GLN A 94 -4.40 24.63 9.50
CA GLN A 94 -5.40 25.69 9.53
C GLN A 94 -5.52 26.31 8.10
N GLY A 95 -4.37 26.65 7.53
CA GLY A 95 -4.33 27.20 6.15
C GLY A 95 -5.24 26.32 5.28
N TYR A 96 -4.93 25.03 5.21
CA TYR A 96 -5.63 23.97 4.43
C TYR A 96 -7.11 23.94 4.66
N ALA A 97 -7.61 23.76 5.88
CA ALA A 97 -9.01 23.76 6.24
C ALA A 97 -9.71 25.11 5.79
N ASP A 98 -9.04 26.24 6.01
CA ASP A 98 -9.55 27.60 5.63
C ASP A 98 -9.72 27.72 4.11
N GLY A 99 -8.72 27.32 3.36
CA GLY A 99 -8.70 27.25 1.90
C GLY A 99 -9.92 26.53 1.33
N MET A 100 -10.19 25.34 1.90
CA MET A 100 -11.28 24.45 1.50
C MET A 100 -12.62 25.13 1.78
N ASN A 101 -12.67 25.69 2.99
CA ASN A 101 -13.89 26.37 3.49
C ASN A 101 -14.31 27.54 2.57
N ALA A 102 -13.35 28.32 2.12
CA ALA A 102 -13.48 29.45 1.21
C ALA A 102 -14.25 29.00 -0.03
N TRP A 103 -13.72 27.90 -0.61
CA TRP A 103 -14.43 27.32 -1.76
C TRP A 103 -15.72 26.65 -1.32
N ILE A 104 -15.90 26.01 -0.18
CA ILE A 104 -17.21 25.41 0.18
C ILE A 104 -18.29 26.49 0.34
N ASP A 105 -17.90 27.66 0.84
CA ASP A 105 -18.82 28.82 0.98
C ASP A 105 -19.32 29.25 -0.41
N LYS A 106 -18.51 29.48 -1.44
CA LYS A 106 -19.02 29.80 -2.77
C LYS A 106 -19.95 28.73 -3.33
N VAL A 107 -19.61 27.45 -3.20
CA VAL A 107 -20.42 26.31 -3.68
C VAL A 107 -21.80 26.33 -3.03
N ASN A 108 -21.79 26.53 -1.73
CA ASN A 108 -23.03 26.51 -0.93
C ASN A 108 -23.88 27.76 -1.14
N THR A 109 -23.30 28.75 -1.77
CA THR A 109 -23.85 30.04 -2.14
C THR A 109 -24.47 30.03 -3.53
N ASN A 110 -23.91 29.17 -4.37
CA ASN A 110 -24.29 29.08 -5.80
C ASN A 110 -24.24 27.65 -6.29
N PRO A 111 -25.12 26.88 -5.67
CA PRO A 111 -25.24 25.45 -5.94
C PRO A 111 -25.86 25.07 -7.26
N GLU A 112 -26.32 26.04 -8.01
CA GLU A 112 -26.98 25.77 -9.30
C GLU A 112 -25.92 25.59 -10.38
N THR A 113 -24.69 25.98 -10.05
CA THR A 113 -23.54 25.83 -10.94
C THR A 113 -22.23 25.32 -10.34
N LEU A 114 -22.12 25.36 -9.02
CA LEU A 114 -20.87 24.97 -8.40
C LEU A 114 -20.93 23.67 -7.63
N LEU A 115 -22.13 23.25 -7.28
CA LEU A 115 -22.20 22.02 -6.48
C LEU A 115 -21.94 20.73 -7.30
N PRO A 116 -20.96 19.94 -6.88
CA PRO A 116 -20.65 18.64 -7.54
C PRO A 116 -21.93 17.84 -7.73
N LYS A 117 -22.14 17.38 -8.96
CA LYS A 117 -23.37 16.60 -9.22
C LYS A 117 -23.71 15.54 -8.20
N GLN A 118 -22.78 14.76 -7.64
CA GLN A 118 -22.97 13.66 -6.67
C GLN A 118 -23.62 14.07 -5.34
N PHE A 119 -23.45 15.32 -4.91
CA PHE A 119 -24.12 15.80 -3.68
C PHE A 119 -25.62 15.78 -3.92
N ASN A 120 -26.00 16.15 -5.14
CA ASN A 120 -27.41 16.11 -5.56
C ASN A 120 -27.85 14.61 -5.58
N THR A 121 -27.09 13.73 -6.23
CA THR A 121 -27.37 12.29 -6.35
C THR A 121 -27.58 11.60 -5.00
N PHE A 122 -26.64 11.86 -4.11
CA PHE A 122 -26.60 11.29 -2.76
C PHE A 122 -27.50 12.02 -1.76
N GLY A 123 -28.02 13.16 -2.16
CA GLY A 123 -28.92 13.97 -1.36
C GLY A 123 -28.39 14.65 -0.12
N PHE A 124 -27.22 15.26 -0.21
CA PHE A 124 -26.67 15.92 1.00
C PHE A 124 -25.74 17.00 0.41
N THR A 125 -25.24 17.74 1.40
CA THR A 125 -24.33 18.85 1.04
C THR A 125 -23.09 18.92 1.96
N PRO A 126 -22.07 19.55 1.38
CA PRO A 126 -20.78 19.75 2.05
C PRO A 126 -20.85 20.65 3.28
N LYS A 127 -20.07 20.24 4.26
CA LYS A 127 -19.90 20.93 5.54
C LYS A 127 -18.47 21.47 5.57
N ARG A 128 -18.25 22.41 6.46
CA ARG A 128 -16.92 23.04 6.64
C ARG A 128 -16.01 22.08 7.44
N TRP A 129 -14.75 22.28 7.14
CA TRP A 129 -13.64 21.51 7.63
C TRP A 129 -12.89 22.21 8.73
N GLU A 130 -12.23 21.48 9.61
CA GLU A 130 -11.37 22.05 10.67
C GLU A 130 -10.06 21.25 10.58
N PRO A 131 -9.02 21.77 11.19
CA PRO A 131 -7.74 21.06 11.23
C PRO A 131 -7.87 19.56 11.61
N PHE A 132 -8.70 19.09 12.53
CA PHE A 132 -8.89 17.74 12.94
C PHE A 132 -9.30 16.87 11.72
N ASP A 133 -10.15 17.40 10.87
CA ASP A 133 -10.63 16.74 9.67
C ASP A 133 -9.48 16.45 8.67
N VAL A 134 -8.58 17.38 8.49
CA VAL A 134 -7.43 17.24 7.58
C VAL A 134 -6.46 16.17 8.09
N ALA A 135 -6.22 16.19 9.40
CA ALA A 135 -5.32 15.25 10.08
C ALA A 135 -5.91 13.82 9.95
N MET A 136 -7.20 13.65 10.17
CA MET A 136 -7.93 12.40 10.10
C MET A 136 -7.86 11.76 8.68
N ILE A 137 -7.76 12.51 7.60
CA ILE A 137 -7.62 12.04 6.23
C ILE A 137 -6.30 11.25 6.19
N PHE A 138 -5.22 11.78 6.66
CA PHE A 138 -3.95 11.09 6.70
C PHE A 138 -4.00 9.90 7.72
N VAL A 139 -4.47 10.11 8.94
CA VAL A 139 -4.51 9.08 9.97
C VAL A 139 -5.31 7.86 9.46
N GLY A 140 -6.52 8.13 9.00
CA GLY A 140 -7.37 7.05 8.52
C GLY A 140 -6.98 6.30 7.27
N THR A 141 -6.19 6.84 6.35
CA THR A 141 -5.85 6.19 5.09
C THR A 141 -4.41 5.79 4.87
N MET A 142 -3.59 6.21 5.83
CA MET A 142 -2.16 5.93 5.74
C MET A 142 -1.80 5.16 7.00
N ALA A 143 -2.17 5.62 8.18
CA ALA A 143 -1.86 4.90 9.43
C ALA A 143 -2.72 3.63 9.59
N ASN A 144 -4.02 3.67 9.31
CA ASN A 144 -4.87 2.47 9.46
C ASN A 144 -4.81 1.60 8.20
N ARG A 145 -4.57 2.18 7.07
CA ARG A 145 -4.49 1.38 5.83
C ARG A 145 -3.20 0.57 5.80
N PHE A 146 -2.06 1.21 5.92
CA PHE A 146 -0.76 0.56 5.79
C PHE A 146 0.09 0.34 7.03
N SER A 147 -0.40 0.65 8.22
CA SER A 147 0.56 0.48 9.34
C SER A 147 -0.13 -0.08 10.57
N ASP A 148 -1.33 -0.60 10.34
CA ASP A 148 -2.09 -1.11 11.48
C ASP A 148 -2.29 -2.66 11.33
N SER A 149 -1.37 -3.38 10.71
CA SER A 149 -1.51 -4.85 10.46
C SER A 149 -1.11 -5.84 11.54
N THR A 150 -2.01 -6.68 12.04
CA THR A 150 -1.70 -7.73 13.02
C THR A 150 -2.75 -8.89 12.78
N SER A 151 -2.32 -10.10 13.13
CA SER A 151 -3.26 -11.25 13.09
C SER A 151 -2.93 -12.05 14.37
N GLU A 152 -2.30 -11.44 15.36
CA GLU A 152 -1.86 -12.18 16.56
C GLU A 152 -2.91 -13.07 17.20
N ILE A 153 -4.15 -12.69 17.35
CA ILE A 153 -5.19 -13.48 17.98
C ILE A 153 -5.46 -14.74 17.12
N ASP A 154 -5.49 -14.52 15.83
CA ASP A 154 -5.68 -15.58 14.81
C ASP A 154 -4.49 -16.55 14.82
N ASN A 155 -3.28 -16.08 14.88
CA ASN A 155 -2.06 -16.84 14.93
C ASN A 155 -2.15 -17.81 16.17
N LEU A 156 -2.59 -17.25 17.31
CA LEU A 156 -2.74 -18.03 18.52
C LEU A 156 -3.76 -19.15 18.30
N ALA A 157 -4.85 -18.81 17.63
CA ALA A 157 -5.88 -19.81 17.33
C ALA A 157 -5.27 -20.96 16.50
N LEU A 158 -4.50 -20.63 15.47
CA LEU A 158 -3.86 -21.57 14.58
C LEU A 158 -2.94 -22.46 15.42
N LEU A 159 -2.06 -21.85 16.19
CA LEU A 159 -1.05 -22.50 17.02
C LEU A 159 -1.68 -23.52 17.98
N THR A 160 -2.81 -23.16 18.52
CA THR A 160 -3.59 -23.99 19.44
C THR A 160 -4.09 -25.25 18.71
N ALA A 161 -4.54 -25.08 17.50
CA ALA A 161 -5.01 -26.18 16.64
C ALA A 161 -3.81 -27.04 16.25
N LEU A 162 -2.62 -26.57 15.99
CA LEU A 162 -1.46 -27.36 15.65
C LEU A 162 -0.99 -28.19 16.86
N LYS A 163 -1.21 -27.70 18.06
CA LYS A 163 -0.80 -28.39 19.29
C LYS A 163 -1.75 -29.53 19.58
N ASP A 164 -3.01 -29.35 19.21
CA ASP A 164 -4.05 -30.34 19.39
C ASP A 164 -3.91 -31.47 18.34
N LYS A 165 -3.18 -31.19 17.29
CA LYS A 165 -2.94 -32.10 16.18
C LYS A 165 -1.60 -32.82 16.34
N TYR A 166 -0.50 -32.14 16.48
CA TYR A 166 0.81 -32.73 16.59
C TYR A 166 1.41 -32.84 17.98
N GLY A 167 0.59 -32.45 18.95
CA GLY A 167 1.11 -32.37 20.34
C GLY A 167 1.84 -30.99 20.47
N VAL A 168 2.11 -30.69 21.73
CA VAL A 168 2.78 -29.44 22.09
C VAL A 168 4.10 -29.12 21.43
N SER A 169 5.15 -29.89 21.46
CA SER A 169 6.40 -29.45 20.81
C SER A 169 6.40 -29.38 19.29
N GLN A 170 5.63 -30.30 18.75
CA GLN A 170 5.46 -30.57 17.32
C GLN A 170 4.57 -29.49 16.68
N GLY A 171 3.54 -29.18 17.42
CA GLY A 171 2.57 -28.11 17.04
C GLY A 171 3.32 -26.77 16.81
N MET A 172 4.24 -26.48 17.71
CA MET A 172 5.10 -25.32 17.73
C MET A 172 6.10 -25.38 16.58
N ALA A 173 6.71 -26.52 16.31
CA ALA A 173 7.69 -26.55 15.19
C ALA A 173 6.99 -26.42 13.83
N VAL A 174 5.78 -26.90 13.70
CA VAL A 174 4.99 -26.78 12.46
C VAL A 174 4.64 -25.26 12.29
N PHE A 175 4.22 -24.60 13.39
CA PHE A 175 3.92 -23.13 13.44
C PHE A 175 5.13 -22.41 12.88
N ASN A 176 6.34 -22.72 13.26
CA ASN A 176 7.55 -22.12 12.76
C ASN A 176 7.82 -22.45 11.29
N GLN A 177 7.16 -23.46 10.76
CA GLN A 177 7.39 -23.81 9.35
C GLN A 177 6.43 -23.01 8.46
N LEU A 178 5.28 -22.71 9.05
CA LEU A 178 4.23 -22.00 8.29
C LEU A 178 4.29 -20.43 8.35
N LYS A 179 4.68 -20.01 9.52
CA LYS A 179 4.78 -18.57 9.91
C LYS A 179 6.10 -18.39 10.63
N TRP A 180 7.18 -18.52 9.88
CA TRP A 180 8.52 -18.36 10.45
C TRP A 180 8.72 -16.90 10.92
N LEU A 181 9.66 -16.60 11.80
CA LEU A 181 9.93 -15.21 12.24
C LEU A 181 10.77 -14.49 11.19
N VAL A 182 11.83 -15.16 10.74
CA VAL A 182 12.79 -14.75 9.72
C VAL A 182 13.17 -16.02 8.89
N ASN A 183 13.60 -15.73 7.70
CA ASN A 183 14.05 -16.63 6.64
C ASN A 183 15.22 -15.90 6.00
N PRO A 184 16.40 -16.47 6.28
CA PRO A 184 17.67 -15.95 5.82
C PRO A 184 17.90 -15.99 4.33
N SER A 185 17.07 -16.71 3.59
CA SER A 185 17.19 -16.70 2.12
C SER A 185 16.33 -15.61 1.45
N ALA A 186 15.49 -14.90 2.22
CA ALA A 186 14.67 -13.82 1.63
C ALA A 186 15.51 -12.78 0.91
N PRO A 187 15.13 -12.49 -0.35
CA PRO A 187 15.78 -11.42 -1.14
C PRO A 187 15.55 -10.07 -0.39
N THR A 188 16.61 -9.34 -0.16
CA THR A 188 16.63 -8.06 0.59
C THR A 188 16.98 -6.80 -0.23
N THR A 189 16.42 -5.66 0.19
CA THR A 189 16.72 -4.36 -0.50
C THR A 189 18.17 -3.95 -0.22
N ILE A 190 18.69 -4.10 0.99
CA ILE A 190 20.07 -3.81 1.39
C ILE A 190 20.92 -5.12 1.31
N ALA A 191 21.99 -5.08 0.54
CA ALA A 191 22.91 -6.21 0.37
C ALA A 191 23.53 -6.61 1.70
N VAL A 192 23.93 -7.87 1.86
CA VAL A 192 24.57 -8.28 3.14
C VAL A 192 25.91 -7.56 3.36
N GLN A 193 26.72 -7.21 2.39
CA GLN A 193 28.00 -6.51 2.61
C GLN A 193 27.81 -5.15 3.33
N GLU A 194 26.69 -4.53 3.08
CA GLU A 194 26.25 -3.23 3.61
C GLU A 194 25.82 -3.48 5.06
N SER A 195 24.87 -4.32 5.35
CA SER A 195 24.54 -4.58 6.77
C SER A 195 23.26 -5.42 6.83
N SER B 1 3.56 -2.31 -3.82
CA SER B 1 4.22 -1.13 -4.32
C SER B 1 5.66 -1.37 -4.66
N ASN B 2 6.04 -0.88 -5.84
CA ASN B 2 7.47 -1.06 -6.20
C ASN B 2 8.20 0.30 -6.42
N MET B 3 9.51 0.17 -6.41
CA MET B 3 10.48 1.22 -6.59
C MET B 3 11.82 0.69 -7.05
N TRP B 4 12.46 1.41 -7.92
CA TRP B 4 13.80 1.21 -8.40
C TRP B 4 14.47 2.64 -8.49
N VAL B 5 15.59 2.71 -7.80
CA VAL B 5 16.46 3.91 -7.74
C VAL B 5 17.84 3.53 -8.29
N ILE B 6 18.29 4.21 -9.32
CA ILE B 6 19.56 4.02 -10.05
C ILE B 6 20.49 5.25 -9.89
N GLY B 7 21.63 4.97 -9.30
CA GLY B 7 22.70 5.90 -8.97
C GLY B 7 23.61 6.15 -10.15
N LYS B 8 24.58 7.04 -9.90
CA LYS B 8 25.62 7.46 -10.82
C LYS B 8 26.26 6.39 -11.71
N SER B 9 26.70 5.33 -11.07
CA SER B 9 27.40 4.15 -11.63
C SER B 9 26.56 3.19 -12.49
N LYS B 10 25.26 3.21 -12.41
CA LYS B 10 24.30 2.44 -13.15
C LYS B 10 23.50 3.24 -14.18
N ALA B 11 23.52 4.57 -14.03
CA ALA B 11 22.76 5.48 -14.88
C ALA B 11 23.50 5.80 -16.17
N GLN B 12 22.76 5.91 -17.24
CA GLN B 12 23.37 6.26 -18.55
C GLN B 12 22.73 7.55 -19.03
N ASP B 13 23.53 8.58 -19.22
CA ASP B 13 23.08 9.91 -19.71
C ASP B 13 22.29 10.72 -18.65
N ALA B 14 22.57 10.46 -17.39
CA ALA B 14 21.96 11.09 -16.22
C ALA B 14 22.84 10.65 -15.04
N LYS B 15 22.59 11.30 -13.93
CA LYS B 15 23.36 10.96 -12.72
C LYS B 15 22.53 10.11 -11.75
N ALA B 16 21.19 10.23 -11.86
CA ALA B 16 20.28 9.49 -10.96
C ALA B 16 18.93 9.37 -11.63
N ILE B 17 18.24 8.25 -11.44
CA ILE B 17 16.92 7.93 -12.03
C ILE B 17 16.04 7.28 -10.92
N MET B 18 14.85 7.78 -10.68
CA MET B 18 13.97 7.26 -9.66
C MET B 18 12.68 6.90 -10.34
N VAL B 19 12.22 5.64 -10.21
CA VAL B 19 10.93 5.20 -10.80
C VAL B 19 10.11 4.58 -9.66
N ASN B 20 8.91 4.99 -9.37
CA ASN B 20 8.02 4.59 -8.30
C ASN B 20 6.67 4.22 -8.85
N GLY B 21 6.13 3.11 -8.30
CA GLY B 21 4.82 2.57 -8.67
C GLY B 21 4.12 2.08 -7.41
N PRO B 22 3.62 3.08 -6.66
CA PRO B 22 2.86 2.83 -5.43
C PRO B 22 1.59 2.09 -5.85
N GLN B 23 1.27 1.03 -5.11
CA GLN B 23 0.11 0.17 -5.45
C GLN B 23 -0.98 0.27 -4.42
N PHE B 24 -2.09 0.94 -4.76
CA PHE B 24 -3.14 1.06 -3.74
C PHE B 24 -4.46 0.62 -4.26
N GLY B 25 -4.50 0.04 -5.45
CA GLY B 25 -5.85 -0.37 -6.03
C GLY B 25 -6.09 0.70 -7.14
N TRP B 26 -7.17 0.64 -7.88
CA TRP B 26 -7.47 1.56 -9.01
C TRP B 26 -8.84 2.16 -8.73
N TYR B 27 -8.84 3.53 -8.73
CA TYR B 27 -10.06 4.28 -8.36
C TYR B 27 -10.41 5.47 -9.28
N ALA B 28 -11.71 5.73 -9.25
CA ALA B 28 -12.25 6.88 -10.03
C ALA B 28 -13.03 7.79 -9.05
N PRO B 29 -12.63 9.08 -8.86
CA PRO B 29 -11.48 9.79 -9.44
C PRO B 29 -10.18 9.30 -8.84
N ALA B 30 -9.04 9.62 -9.38
CA ALA B 30 -7.71 9.17 -9.02
C ALA B 30 -7.47 9.18 -7.50
N TYR B 31 -6.72 8.12 -7.11
CA TYR B 31 -6.30 7.91 -5.73
C TYR B 31 -5.40 9.14 -5.34
N THR B 32 -4.53 9.52 -6.25
CA THR B 32 -3.60 10.64 -5.92
C THR B 32 -4.06 11.97 -6.58
N TYR B 33 -3.40 12.99 -6.12
CA TYR B 33 -3.65 14.43 -6.51
C TYR B 33 -2.39 15.18 -6.85
N GLY B 34 -2.33 15.71 -8.09
CA GLY B 34 -1.17 16.47 -8.57
C GLY B 34 -1.21 17.97 -8.00
N ILE B 35 -0.06 18.41 -7.54
CA ILE B 35 0.11 19.75 -6.87
C ILE B 35 1.55 20.21 -6.90
N GLY B 36 1.80 21.54 -7.14
CA GLY B 36 3.11 22.20 -7.10
C GLY B 36 2.95 23.35 -6.03
N LEU B 37 3.95 23.50 -5.18
CA LEU B 37 3.90 24.51 -4.07
C LEU B 37 5.19 25.32 -4.12
N HIS B 38 4.92 26.65 -4.32
CA HIS B 38 6.04 27.60 -4.50
C HIS B 38 5.82 28.83 -3.59
N GLY B 39 6.54 28.84 -2.50
CA GLY B 39 6.49 29.87 -1.46
C GLY B 39 6.69 29.27 -0.08
N ALA B 40 7.00 30.15 0.87
CA ALA B 40 7.21 29.88 2.30
C ALA B 40 8.31 28.86 2.58
N GLY B 41 9.35 28.77 1.76
CA GLY B 41 10.46 27.84 1.86
C GLY B 41 10.37 26.53 1.02
N TYR B 42 9.22 26.26 0.44
CA TYR B 42 8.83 25.16 -0.42
C TYR B 42 8.90 25.52 -1.90
N ASP B 43 9.38 24.59 -2.70
CA ASP B 43 9.49 24.68 -4.16
C ASP B 43 9.47 23.20 -4.64
N VAL B 44 8.25 22.72 -4.73
CA VAL B 44 8.00 21.30 -5.09
C VAL B 44 6.96 21.09 -6.18
N THR B 45 7.06 19.88 -6.80
CA THR B 45 6.15 19.33 -7.78
C THR B 45 5.94 17.78 -7.52
N GLY B 46 4.73 17.30 -7.78
CA GLY B 46 4.49 15.81 -7.60
C GLY B 46 3.02 15.53 -7.45
N ASN B 47 2.73 14.39 -6.80
CA ASN B 47 1.33 13.97 -6.59
C ASN B 47 1.37 13.22 -5.26
N THR B 48 0.25 13.12 -4.62
CA THR B 48 0.15 12.52 -3.30
C THR B 48 -1.24 12.01 -3.08
N PRO B 49 -1.34 10.89 -2.30
CA PRO B 49 -2.64 10.31 -1.97
C PRO B 49 -3.56 11.24 -1.20
N PHE B 50 -4.82 11.33 -1.55
CA PHE B 50 -5.86 12.10 -0.86
C PHE B 50 -5.45 13.58 -0.60
N ALA B 51 -4.61 14.16 -1.45
CA ALA B 51 -4.13 15.56 -1.38
C ALA B 51 -3.62 15.91 0.02
N TYR B 52 -2.86 14.99 0.65
CA TYR B 52 -2.29 15.25 1.96
C TYR B 52 -1.43 16.53 1.81
N PRO B 53 -1.28 17.29 2.92
CA PRO B 53 -0.40 18.48 2.97
C PRO B 53 0.97 18.09 2.46
N GLY B 54 1.57 16.92 2.82
CA GLY B 54 2.92 16.54 2.30
C GLY B 54 2.77 15.56 1.09
N LEU B 55 3.60 15.73 0.10
CA LEU B 55 3.71 15.01 -1.18
C LEU B 55 4.57 13.76 -0.94
N VAL B 56 3.84 12.66 -1.15
CA VAL B 56 4.52 11.31 -0.97
C VAL B 56 5.44 11.09 -2.16
N PHE B 57 5.05 11.59 -3.35
CA PHE B 57 5.87 11.42 -4.58
C PHE B 57 6.18 12.77 -5.27
N GLY B 58 7.47 13.04 -5.42
CA GLY B 58 7.86 14.31 -6.08
C GLY B 58 9.29 14.71 -5.85
N HIS B 59 9.61 15.97 -6.24
CA HIS B 59 10.98 16.47 -6.07
C HIS B 59 10.96 18.02 -5.86
N ASN B 60 12.11 18.47 -5.38
CA ASN B 60 12.20 19.95 -5.16
C ASN B 60 13.29 20.53 -6.02
N GLY B 61 13.69 19.96 -7.14
CA GLY B 61 14.77 20.47 -7.97
C GLY B 61 16.15 20.09 -7.46
N VAL B 62 16.34 19.61 -6.26
CA VAL B 62 17.62 19.21 -5.65
C VAL B 62 17.64 17.69 -5.27
N ILE B 63 16.57 17.32 -4.58
CA ILE B 63 16.36 15.92 -4.17
C ILE B 63 14.98 15.47 -4.69
N SER B 64 14.83 14.13 -4.74
CA SER B 64 13.57 13.44 -5.10
C SER B 64 13.32 12.35 -3.99
N TRP B 65 12.05 12.07 -3.78
CA TRP B 65 11.65 11.09 -2.75
C TRP B 65 10.51 10.21 -3.26
N GLY B 66 10.37 9.06 -2.57
CA GLY B 66 9.27 8.15 -2.94
C GLY B 66 9.16 7.24 -1.70
N SER B 67 8.15 6.40 -1.77
CA SER B 67 7.78 5.43 -0.75
C SER B 67 7.27 4.04 -1.20
N THR B 68 7.30 3.01 -0.36
CA THR B 68 6.67 1.66 -0.56
C THR B 68 6.27 1.21 0.85
N ALA B 69 5.22 0.44 1.00
CA ALA B 69 4.76 -0.05 2.34
C ALA B 69 5.89 -0.84 3.00
N GLY B 70 6.17 -0.66 4.29
CA GLY B 70 7.30 -1.27 4.97
C GLY B 70 7.09 -2.73 5.45
N PHE B 71 5.94 -2.98 6.02
CA PHE B 71 5.47 -4.23 6.61
C PHE B 71 6.33 -4.77 7.77
N GLY B 72 6.89 -3.94 8.61
CA GLY B 72 7.69 -4.36 9.79
C GLY B 72 6.62 -4.74 10.82
N ASP B 73 6.95 -5.34 11.94
CA ASP B 73 5.98 -5.71 12.98
C ASP B 73 5.99 -4.51 13.99
N ASP B 74 4.95 -3.69 13.94
CA ASP B 74 4.88 -2.47 14.85
C ASP B 74 3.63 -2.50 15.69
N VAL B 75 2.85 -3.62 15.66
CA VAL B 75 1.62 -3.69 16.42
C VAL B 75 1.63 -4.95 17.29
N ASP B 76 1.37 -5.03 18.56
CA ASP B 76 1.32 -6.27 19.37
C ASP B 76 0.01 -6.20 20.14
N ILE B 77 -0.54 -7.36 20.47
CA ILE B 77 -1.78 -7.50 21.20
C ILE B 77 -1.49 -7.90 22.65
N PHE B 78 -2.16 -7.19 23.56
CA PHE B 78 -2.01 -7.40 25.02
C PHE B 78 -3.33 -7.98 25.51
N ALA B 79 -3.16 -9.17 26.17
CA ALA B 79 -4.26 -9.96 26.75
C ALA B 79 -4.49 -9.34 28.14
N GLU B 80 -5.51 -8.52 28.25
CA GLU B 80 -5.82 -7.79 29.49
C GLU B 80 -6.67 -8.68 30.38
N ARG B 81 -6.29 -8.63 31.65
CA ARG B 81 -6.90 -9.38 32.75
C ARG B 81 -8.10 -8.70 33.41
N LEU B 82 -9.32 -9.11 33.25
CA LEU B 82 -10.47 -8.48 33.88
C LEU B 82 -10.94 -9.25 35.11
N SER B 83 -11.64 -8.54 35.99
CA SER B 83 -12.21 -9.18 37.22
C SER B 83 -13.71 -9.21 36.85
N ALA B 84 -14.34 -10.27 37.32
CA ALA B 84 -15.77 -10.57 37.15
C ALA B 84 -16.61 -9.54 37.93
N GLU B 85 -16.15 -9.24 39.12
CA GLU B 85 -16.73 -8.23 40.04
C GLU B 85 -15.99 -6.94 39.70
N LYS B 86 -16.08 -5.77 40.32
CA LYS B 86 -15.23 -4.65 39.83
C LYS B 86 -14.97 -4.53 38.33
N PRO B 87 -16.01 -4.24 37.57
CA PRO B 87 -15.92 -4.12 36.10
C PRO B 87 -15.43 -2.78 35.58
N GLY B 88 -14.81 -2.88 34.39
CA GLY B 88 -14.24 -1.72 33.68
C GLY B 88 -12.84 -1.41 34.22
N TYR B 89 -12.32 -2.41 34.93
CA TYR B 89 -11.03 -2.42 35.56
C TYR B 89 -10.19 -3.55 34.95
N TYR B 90 -8.90 -3.37 35.07
CA TYR B 90 -7.99 -4.39 34.54
C TYR B 90 -6.79 -4.33 35.47
N LEU B 91 -6.13 -5.46 35.54
CA LEU B 91 -4.96 -5.60 36.41
C LEU B 91 -3.69 -5.14 35.72
N HIS B 92 -3.03 -4.21 36.36
CA HIS B 92 -1.76 -3.73 35.77
C HIS B 92 -0.86 -3.32 36.92
N ASN B 93 0.32 -3.91 36.93
CA ASN B 93 1.40 -3.74 37.90
C ASN B 93 0.87 -3.79 39.34
N GLY B 94 0.21 -4.92 39.57
CA GLY B 94 -0.44 -5.32 40.79
C GLY B 94 -1.48 -4.39 41.36
N LYS B 95 -2.24 -3.67 40.55
CA LYS B 95 -3.31 -2.73 40.96
C LYS B 95 -4.48 -2.88 40.00
N TRP B 96 -5.71 -2.70 40.45
CA TRP B 96 -6.85 -2.75 39.51
C TRP B 96 -7.02 -1.31 38.99
N VAL B 97 -6.67 -1.19 37.73
CA VAL B 97 -6.71 0.07 36.98
C VAL B 97 -8.01 0.14 36.17
N LYS B 98 -8.55 1.38 36.18
CA LYS B 98 -9.78 1.72 35.48
C LYS B 98 -9.47 2.11 34.01
N MET B 99 -10.38 1.59 33.20
CA MET B 99 -10.29 1.81 31.75
C MET B 99 -10.90 3.16 31.35
N LEU B 100 -10.38 3.67 30.24
CA LEU B 100 -10.88 4.84 29.59
C LEU B 100 -12.05 4.22 28.75
N SER B 101 -13.11 4.96 28.63
CA SER B 101 -14.29 4.61 27.88
C SER B 101 -14.90 5.85 27.25
N ARG B 102 -15.65 5.68 26.18
CA ARG B 102 -16.29 6.84 25.53
C ARG B 102 -17.58 6.37 24.92
N GLU B 103 -18.69 7.08 24.97
CA GLU B 103 -19.89 6.55 24.30
C GLU B 103 -19.96 7.16 22.90
N GLU B 104 -20.53 6.41 21.98
CA GLU B 104 -20.65 6.89 20.59
C GLU B 104 -22.04 6.64 20.06
N THR B 105 -22.55 7.64 19.31
CA THR B 105 -23.89 7.51 18.72
C THR B 105 -23.70 7.49 17.20
N ILE B 106 -24.19 6.44 16.56
CA ILE B 106 -24.11 6.35 15.10
C ILE B 106 -25.47 6.87 14.59
N THR B 107 -25.48 7.97 13.88
CA THR B 107 -26.72 8.47 13.30
C THR B 107 -26.90 7.75 11.96
N VAL B 108 -28.10 7.30 11.70
CA VAL B 108 -28.44 6.58 10.50
C VAL B 108 -29.51 7.22 9.65
N LYS B 109 -29.17 7.50 8.42
CA LYS B 109 -30.15 8.03 7.45
C LYS B 109 -31.27 6.98 7.32
N ASN B 110 -32.49 7.33 7.66
CA ASN B 110 -33.71 6.52 7.57
C ASN B 110 -33.71 5.28 8.47
N GLY B 111 -33.13 5.38 9.65
CA GLY B 111 -33.18 4.21 10.56
C GLY B 111 -33.04 4.80 11.96
N GLN B 112 -33.08 3.98 12.96
CA GLN B 112 -32.89 4.43 14.33
C GLN B 112 -31.38 4.67 14.55
N ALA B 113 -31.02 5.51 15.52
CA ALA B 113 -29.61 5.78 15.81
C ALA B 113 -29.12 4.65 16.73
N GLU B 114 -27.80 4.55 16.80
CA GLU B 114 -27.17 3.49 17.61
C GLU B 114 -25.99 3.98 18.42
N THR B 115 -26.01 3.53 19.68
CA THR B 115 -24.90 3.98 20.56
C THR B 115 -24.20 2.74 21.13
N PHE B 116 -22.91 2.97 21.35
CA PHE B 116 -21.99 1.95 21.88
C PHE B 116 -20.84 2.63 22.60
N THR B 117 -20.08 1.82 23.30
CA THR B 117 -18.92 2.30 24.07
C THR B 117 -17.64 1.73 23.50
N VAL B 118 -16.58 2.50 23.54
CA VAL B 118 -15.24 2.15 23.08
C VAL B 118 -14.44 2.17 24.38
N TRP B 119 -13.64 1.17 24.62
CA TRP B 119 -12.80 1.05 25.82
C TRP B 119 -11.34 1.10 25.46
N ARG B 120 -10.60 1.62 26.43
CA ARG B 120 -9.14 1.75 26.18
C ARG B 120 -8.39 1.54 27.48
N THR B 121 -7.20 0.99 27.37
CA THR B 121 -6.33 0.71 28.51
C THR B 121 -5.01 1.37 28.20
N VAL B 122 -4.01 1.25 29.03
CA VAL B 122 -2.66 1.73 28.82
C VAL B 122 -2.00 1.21 27.55
N HIS B 123 -2.43 0.01 27.10
CA HIS B 123 -1.93 -0.69 25.91
C HIS B 123 -2.61 -0.22 24.64
N GLY B 124 -3.89 0.08 24.66
CA GLY B 124 -4.53 0.60 23.42
C GLY B 124 -6.02 0.35 23.49
N ASN B 125 -6.73 0.56 22.41
CA ASN B 125 -8.18 0.32 22.39
C ASN B 125 -8.43 -1.20 22.49
N ILE B 126 -9.52 -1.53 23.13
CA ILE B 126 -9.94 -2.95 23.25
C ILE B 126 -10.62 -3.43 21.95
N LEU B 127 -10.07 -4.49 21.38
CA LEU B 127 -10.48 -5.19 20.17
C LEU B 127 -11.68 -6.09 20.39
N GLN B 128 -11.45 -6.96 21.34
CA GLN B 128 -12.39 -8.00 21.78
C GLN B 128 -12.02 -8.40 23.22
N THR B 129 -13.08 -8.94 23.81
CA THR B 129 -13.06 -9.42 25.18
C THR B 129 -13.66 -10.83 25.16
N ASP B 130 -13.10 -11.60 26.05
CA ASP B 130 -13.49 -13.02 26.27
C ASP B 130 -13.84 -13.01 27.75
N GLN B 131 -15.12 -12.95 28.03
CA GLN B 131 -15.66 -12.84 29.40
C GLN B 131 -15.66 -14.20 30.10
N THR B 132 -15.36 -15.24 29.35
CA THR B 132 -15.23 -16.64 29.78
C THR B 132 -13.82 -16.88 30.33
N THR B 133 -12.82 -16.21 29.79
CA THR B 133 -11.43 -16.27 30.24
C THR B 133 -11.30 -15.06 31.21
N GLN B 134 -12.05 -14.03 30.86
CA GLN B 134 -12.07 -12.72 31.55
C GLN B 134 -10.79 -12.04 31.04
N THR B 135 -10.70 -12.03 29.72
CA THR B 135 -9.61 -11.51 28.92
C THR B 135 -10.16 -10.49 27.92
N ALA B 136 -9.43 -9.43 27.76
CA ALA B 136 -9.82 -8.39 26.76
C ALA B 136 -8.54 -8.15 25.97
N TYR B 137 -8.68 -8.02 24.68
CA TYR B 137 -7.46 -7.77 23.89
C TYR B 137 -7.26 -6.31 23.56
N ALA B 138 -6.12 -5.79 23.90
CA ALA B 138 -5.86 -4.37 23.54
C ALA B 138 -4.80 -4.36 22.43
N LYS B 139 -5.07 -3.64 21.37
CA LYS B 139 -4.14 -3.47 20.22
C LYS B 139 -3.19 -2.31 20.47
N SER B 140 -1.92 -2.61 20.60
CA SER B 140 -0.85 -1.65 20.88
C SER B 140 -0.01 -1.39 19.65
N ARG B 141 -0.05 -0.09 19.22
CA ARG B 141 0.72 0.41 18.10
C ARG B 141 1.94 1.19 18.60
N ALA B 142 3.11 0.93 18.02
CA ALA B 142 4.33 1.64 18.33
C ALA B 142 4.24 3.16 17.93
N TRP B 143 3.37 3.51 16.97
CA TRP B 143 3.22 4.89 16.51
C TRP B 143 2.08 5.59 17.24
N ASP B 144 1.48 5.00 18.25
CA ASP B 144 0.36 5.63 18.99
C ASP B 144 0.86 7.02 19.54
N GLY B 145 0.18 8.10 19.19
CA GLY B 145 0.54 9.47 19.62
C GLY B 145 1.56 10.18 18.80
N LYS B 146 1.92 9.74 17.61
CA LYS B 146 2.88 10.23 16.67
C LYS B 146 2.25 10.31 15.27
N GLU B 147 0.94 10.14 15.27
CA GLU B 147 0.23 10.20 13.99
C GLU B 147 0.44 11.56 13.31
N VAL B 148 0.17 12.61 14.12
CA VAL B 148 0.34 14.00 13.59
C VAL B 148 1.77 14.31 13.24
N ALA B 149 2.75 13.95 14.06
CA ALA B 149 4.15 14.16 13.74
C ALA B 149 4.60 13.46 12.45
N SER B 150 3.95 12.31 12.13
CA SER B 150 4.32 11.56 10.89
C SER B 150 3.92 12.37 9.64
N LEU B 151 2.71 12.91 9.69
CA LEU B 151 2.18 13.84 8.64
C LEU B 151 3.12 15.02 8.35
N LEU B 152 3.52 15.65 9.46
CA LEU B 152 4.44 16.83 9.43
C LEU B 152 5.82 16.41 8.97
N ALA B 153 6.35 15.24 9.37
CA ALA B 153 7.66 14.81 8.84
C ALA B 153 7.57 14.66 7.32
N TRP B 154 6.49 14.12 6.76
CA TRP B 154 6.24 13.96 5.33
C TRP B 154 6.15 15.32 4.57
N THR B 155 5.73 16.37 5.28
CA THR B 155 5.65 17.76 4.76
C THR B 155 7.00 18.46 4.78
N HIS B 156 7.68 18.49 5.95
CA HIS B 156 9.00 19.11 6.13
C HIS B 156 10.13 18.55 5.31
N GLN B 157 10.02 17.26 4.93
CA GLN B 157 11.06 16.56 4.12
C GLN B 157 11.13 17.16 2.73
N MET B 158 10.03 17.76 2.27
CA MET B 158 9.98 18.38 0.93
C MET B 158 10.99 19.54 0.75
N LYS B 159 11.34 20.15 1.89
CA LYS B 159 12.32 21.22 1.97
C LYS B 159 13.76 20.73 2.12
N ALA B 160 14.11 19.48 2.42
CA ALA B 160 15.50 19.01 2.56
C ALA B 160 16.29 19.19 1.27
N LYS B 161 17.59 19.42 1.44
CA LYS B 161 18.45 19.66 0.29
C LYS B 161 19.60 18.68 0.21
N ASN B 162 19.61 17.81 1.19
CA ASN B 162 20.66 16.75 1.23
C ASN B 162 20.12 15.63 2.12
N TRP B 163 20.98 14.62 2.11
CA TRP B 163 20.72 13.36 2.82
C TRP B 163 20.59 13.62 4.31
N GLN B 164 21.52 14.42 4.78
CA GLN B 164 21.61 14.83 6.21
C GLN B 164 20.31 15.47 6.65
N GLU B 165 19.83 16.47 5.87
CA GLU B 165 18.56 17.07 6.25
C GLU B 165 17.37 16.13 6.06
N TRP B 166 17.48 15.38 4.96
CA TRP B 166 16.39 14.42 4.66
C TRP B 166 16.22 13.39 5.79
N THR B 167 17.33 12.79 6.26
CA THR B 167 17.16 11.76 7.31
C THR B 167 16.69 12.34 8.64
N GLN B 168 16.91 13.64 8.89
CA GLN B 168 16.38 14.21 10.16
C GLN B 168 14.86 14.10 10.18
N GLN B 169 14.24 14.18 9.01
CA GLN B 169 12.78 14.05 8.85
C GLN B 169 12.35 12.57 8.84
N ALA B 170 13.15 11.72 8.20
CA ALA B 170 12.87 10.25 8.14
C ALA B 170 12.79 9.70 9.56
N ALA B 171 13.66 10.22 10.45
CA ALA B 171 13.66 9.83 11.87
C ALA B 171 12.37 10.18 12.58
N LYS B 172 11.48 11.02 12.06
CA LYS B 172 10.24 11.38 12.73
C LYS B 172 8.99 10.77 12.14
N GLN B 173 9.22 10.06 11.04
CA GLN B 173 8.07 9.37 10.39
C GLN B 173 7.98 8.05 11.18
N ALA B 174 6.88 7.85 11.87
CA ALA B 174 6.65 6.74 12.77
C ALA B 174 5.90 5.51 12.22
N LEU B 175 5.32 5.60 11.03
CA LEU B 175 4.57 4.45 10.43
C LEU B 175 5.60 3.55 9.73
N THR B 176 5.25 2.24 9.56
CA THR B 176 6.19 1.32 8.90
C THR B 176 6.19 1.53 7.39
N ILE B 177 7.09 2.33 6.88
CA ILE B 177 7.17 2.73 5.48
C ILE B 177 8.57 2.78 4.97
N ASN B 178 8.86 2.33 3.76
CA ASN B 178 10.17 2.49 3.14
C ASN B 178 10.23 3.90 2.47
N TRP B 179 11.28 4.66 2.72
CA TRP B 179 11.51 5.95 2.11
C TRP B 179 12.72 5.86 1.20
N TYR B 180 12.66 6.55 0.07
CA TYR B 180 13.70 6.60 -0.94
C TYR B 180 14.10 8.07 -1.31
N TYR B 181 15.37 8.23 -1.55
CA TYR B 181 16.12 9.42 -1.88
C TYR B 181 16.98 9.30 -3.11
N ALA B 182 17.09 10.36 -3.92
CA ALA B 182 17.95 10.58 -5.08
C ALA B 182 18.33 12.12 -5.14
N ASP B 183 19.49 12.47 -5.69
CA ASP B 183 19.79 13.95 -5.74
C ASP B 183 20.46 14.30 -7.07
N VAL B 184 20.64 15.63 -7.25
CA VAL B 184 21.23 16.17 -8.49
C VAL B 184 22.68 15.70 -8.68
N ASN B 185 23.36 15.32 -7.63
CA ASN B 185 24.74 14.83 -7.74
C ASN B 185 24.84 13.34 -8.05
N GLY B 186 23.75 12.59 -8.11
CA GLY B 186 23.84 11.14 -8.37
C GLY B 186 23.82 10.31 -7.11
N ASN B 187 23.64 10.85 -5.93
CA ASN B 187 23.58 10.11 -4.66
C ASN B 187 22.22 9.42 -4.55
N ILE B 188 22.16 8.22 -3.98
CA ILE B 188 20.87 7.51 -3.82
C ILE B 188 20.81 6.94 -2.41
N GLY B 189 19.66 6.84 -1.80
CA GLY B 189 19.54 6.34 -0.44
C GLY B 189 18.20 5.71 -0.18
N TYR B 190 18.09 4.95 0.88
CA TYR B 190 16.97 4.17 1.37
C TYR B 190 16.91 4.08 2.87
N VAL B 191 15.71 4.21 3.43
CA VAL B 191 15.48 4.12 4.86
C VAL B 191 14.15 3.38 5.10
N HIS B 192 14.24 2.34 5.92
CA HIS B 192 13.08 1.57 6.39
C HIS B 192 12.68 2.40 7.63
N THR B 193 11.72 3.31 7.46
CA THR B 193 11.32 4.21 8.57
C THR B 193 10.31 3.61 9.52
N GLY B 194 10.11 4.22 10.69
CA GLY B 194 9.07 3.78 11.58
C GLY B 194 9.55 3.59 13.01
N ALA B 195 8.55 3.59 13.87
CA ALA B 195 8.66 3.35 15.29
C ALA B 195 8.49 1.82 15.55
N TYR B 196 9.50 1.22 16.16
CA TYR B 196 9.48 -0.23 16.50
C TYR B 196 9.69 -0.40 18.00
N PRO B 197 8.91 -1.29 18.62
CA PRO B 197 9.04 -1.54 20.07
C PRO B 197 10.34 -2.18 20.49
N ASP B 198 10.73 -1.86 21.71
CA ASP B 198 11.93 -2.46 22.35
C ASP B 198 11.23 -3.49 23.27
N ARG B 199 11.18 -4.76 22.81
CA ARG B 199 10.44 -5.78 23.51
C ARG B 199 11.26 -6.45 24.60
N GLN B 200 10.44 -6.93 25.52
CA GLN B 200 10.98 -7.70 26.66
C GLN B 200 11.58 -9.01 26.08
N SER B 201 12.70 -9.40 26.67
CA SER B 201 13.38 -10.68 26.28
C SER B 201 12.44 -11.88 26.43
N GLY B 202 12.34 -12.60 25.30
CA GLY B 202 11.47 -13.78 25.20
C GLY B 202 10.02 -13.53 24.79
N HIS B 203 9.82 -12.34 24.23
CA HIS B 203 8.54 -11.84 23.72
C HIS B 203 8.47 -12.42 22.29
N ASP B 204 7.50 -13.23 21.98
CA ASP B 204 7.36 -13.74 20.58
C ASP B 204 6.33 -12.80 19.94
N PRO B 205 6.79 -11.93 19.03
CA PRO B 205 5.93 -10.90 18.40
C PRO B 205 4.83 -11.41 17.51
N ARG B 206 4.68 -12.73 17.31
CA ARG B 206 3.65 -13.32 16.45
C ARG B 206 2.42 -13.63 17.23
N LEU B 207 2.55 -13.58 18.55
CA LEU B 207 1.45 -14.00 19.44
C LEU B 207 1.22 -13.02 20.60
N PRO B 208 0.02 -13.01 21.10
CA PRO B 208 -0.36 -12.07 22.20
C PRO B 208 0.50 -12.23 23.43
N VAL B 209 0.63 -11.17 24.24
CA VAL B 209 1.40 -11.19 25.49
C VAL B 209 0.42 -10.75 26.59
N PRO B 210 0.69 -11.22 27.82
CA PRO B 210 -0.14 -10.77 28.97
C PRO B 210 0.06 -9.24 29.13
N GLY B 211 -1.04 -8.59 29.49
CA GLY B 211 -0.95 -7.11 29.66
C GLY B 211 -0.92 -6.67 31.12
N THR B 212 -0.66 -7.66 31.98
CA THR B 212 -0.62 -7.47 33.43
C THR B 212 0.67 -6.78 33.88
N GLY B 213 1.61 -6.53 32.99
CA GLY B 213 2.80 -5.83 33.40
C GLY B 213 4.19 -6.17 33.05
N LYS B 214 4.57 -7.42 33.08
CA LYS B 214 5.94 -7.87 32.81
C LYS B 214 6.30 -7.86 31.34
N TRP B 215 5.26 -7.97 30.52
CA TRP B 215 5.40 -8.03 29.05
C TRP B 215 5.38 -6.71 28.31
N ASP B 216 5.18 -5.61 29.03
CA ASP B 216 5.14 -4.24 28.52
C ASP B 216 6.48 -3.94 27.87
N TRP B 217 6.37 -3.32 26.70
CA TRP B 217 7.57 -2.88 25.97
C TRP B 217 8.38 -1.95 26.92
N LYS B 218 9.68 -2.03 26.64
CA LYS B 218 10.70 -1.28 27.37
C LYS B 218 10.76 0.17 26.86
N GLY B 219 10.24 0.36 25.67
CA GLY B 219 10.21 1.64 24.97
C GLY B 219 10.22 1.34 23.47
N LEU B 220 10.89 2.24 22.76
CA LEU B 220 11.01 2.15 21.30
C LEU B 220 12.50 2.11 20.98
N LEU B 221 12.84 1.43 19.90
CA LEU B 221 14.18 1.31 19.42
C LEU B 221 14.55 2.64 18.75
N PRO B 222 15.82 2.95 18.86
CA PRO B 222 16.37 4.15 18.24
C PRO B 222 16.46 3.97 16.73
N PHE B 223 16.47 5.13 16.08
CA PHE B 223 16.56 5.30 14.64
C PHE B 223 17.87 4.73 14.11
N GLU B 224 18.92 4.58 14.91
CA GLU B 224 20.19 4.01 14.44
C GLU B 224 19.95 2.53 14.05
N MET B 225 18.96 1.93 14.67
CA MET B 225 18.55 0.56 14.41
C MET B 225 17.74 0.42 13.11
N ASN B 226 17.12 1.46 12.56
CA ASN B 226 16.32 1.31 11.32
C ASN B 226 17.20 1.01 10.10
N PRO B 227 16.89 -0.13 9.42
CA PRO B 227 17.66 -0.45 8.21
C PRO B 227 17.81 0.79 7.29
N LYS B 228 18.96 1.08 6.73
CA LYS B 228 19.19 2.18 5.80
C LYS B 228 20.45 1.94 4.97
N VAL B 229 20.59 2.47 3.76
CA VAL B 229 21.75 2.35 2.91
C VAL B 229 21.84 3.75 2.18
N TYR B 230 23.06 4.14 1.99
CA TYR B 230 23.37 5.34 1.24
C TYR B 230 24.43 4.96 0.20
N ASN B 231 24.16 5.28 -1.08
CA ASN B 231 25.14 4.97 -2.14
C ASN B 231 25.61 3.52 -2.08
N PRO B 232 24.65 2.58 -2.25
CA PRO B 232 24.97 1.13 -2.20
C PRO B 232 25.97 0.73 -3.28
N GLN B 233 26.81 -0.27 -2.97
CA GLN B 233 27.85 -0.83 -3.86
C GLN B 233 27.23 -1.31 -5.19
N SER B 234 26.00 -1.83 -5.31
CA SER B 234 25.34 -2.22 -6.54
C SER B 234 24.98 -1.13 -7.54
N GLY B 235 24.80 0.12 -7.11
CA GLY B 235 24.43 1.25 -7.97
C GLY B 235 22.93 1.47 -8.07
N TYR B 236 22.18 0.65 -7.33
CA TYR B 236 20.71 0.70 -7.39
C TYR B 236 20.06 0.21 -6.11
N ILE B 237 18.79 0.55 -6.01
CA ILE B 237 17.89 0.23 -4.90
C ILE B 237 16.56 -0.27 -5.50
N ALA B 238 16.17 -1.52 -5.18
CA ALA B 238 14.89 -2.09 -5.66
C ALA B 238 14.11 -2.62 -4.46
N ASN B 239 12.80 -2.51 -4.51
CA ASN B 239 11.88 -2.96 -3.47
C ASN B 239 10.50 -3.26 -4.04
N TRP B 240 9.81 -4.31 -3.55
CA TRP B 240 8.46 -4.59 -4.04
C TRP B 240 7.78 -5.17 -2.82
N ASN B 241 8.03 -4.47 -1.71
CA ASN B 241 7.51 -4.82 -0.38
C ASN B 241 8.19 -6.14 0.23
N ASN B 242 9.42 -6.34 -0.14
CA ASN B 242 10.35 -7.37 0.29
C ASN B 242 11.06 -6.81 1.53
N SER B 243 11.79 -7.76 2.14
CA SER B 243 12.58 -7.49 3.33
C SER B 243 13.63 -6.45 3.02
N PRO B 244 13.78 -5.46 3.95
CA PRO B 244 14.78 -4.40 3.89
C PRO B 244 16.22 -4.87 3.99
N GLN B 245 16.37 -5.88 4.90
CA GLN B 245 17.71 -6.39 5.19
C GLN B 245 17.69 -7.79 5.83
N LYS B 246 18.90 -8.34 5.75
CA LYS B 246 19.07 -9.70 6.31
C LYS B 246 18.69 -9.84 7.78
N ASP B 247 17.79 -10.80 8.07
CA ASP B 247 17.28 -11.13 9.40
C ASP B 247 16.26 -10.12 9.93
N TYR B 248 15.70 -9.26 9.09
CA TYR B 248 14.68 -8.30 9.58
C TYR B 248 13.36 -9.04 9.56
N PRO B 249 12.68 -9.05 10.71
CA PRO B 249 11.38 -9.72 10.90
C PRO B 249 10.19 -9.00 10.28
N ALA B 250 9.31 -9.61 9.55
CA ALA B 250 8.14 -9.02 8.92
C ALA B 250 6.98 -8.92 9.89
N SER B 251 5.93 -8.27 9.38
CA SER B 251 4.64 -8.13 10.03
C SER B 251 4.28 -9.51 10.59
N ASP B 252 3.47 -9.61 11.63
CA ASP B 252 2.97 -10.87 12.20
C ASP B 252 1.77 -11.48 11.42
N LEU B 253 1.30 -10.85 10.34
CA LEU B 253 0.18 -11.36 9.55
C LEU B 253 0.49 -12.83 9.11
N PHE B 254 -0.45 -13.70 9.36
CA PHE B 254 -0.21 -15.16 8.99
C PHE B 254 0.01 -15.26 7.48
N ALA B 255 -0.76 -14.46 6.75
CA ALA B 255 -0.70 -14.34 5.29
C ALA B 255 0.49 -13.55 4.78
N PHE B 256 1.41 -13.02 5.57
CA PHE B 256 2.55 -12.26 5.04
C PHE B 256 3.89 -12.93 5.41
N LEU B 257 4.71 -13.22 4.39
CA LEU B 257 6.01 -13.81 4.62
C LEU B 257 7.08 -13.22 3.71
N TRP B 258 8.31 -13.22 4.23
CA TRP B 258 9.51 -12.82 3.48
C TRP B 258 10.33 -14.15 3.41
N GLY B 259 10.32 -14.72 2.21
CA GLY B 259 11.05 -16.01 2.06
C GLY B 259 11.86 -15.98 0.79
N GLY B 260 12.38 -17.17 0.44
CA GLY B 260 13.21 -17.28 -0.77
C GLY B 260 12.48 -16.99 -2.08
N ALA B 261 11.18 -17.19 -2.14
CA ALA B 261 10.30 -16.88 -3.27
C ALA B 261 9.79 -15.41 -3.03
N ASP B 262 10.26 -14.46 -3.78
CA ASP B 262 9.87 -13.03 -3.63
C ASP B 262 9.78 -12.36 -4.98
N ARG B 263 8.70 -11.58 -5.18
CA ARG B 263 8.54 -10.87 -6.49
C ARG B 263 9.60 -9.81 -6.73
N VAL B 264 10.37 -9.29 -5.77
CA VAL B 264 11.40 -8.30 -6.07
C VAL B 264 12.46 -8.88 -6.98
N THR B 265 12.67 -10.24 -6.92
CA THR B 265 13.67 -10.82 -7.86
C THR B 265 13.49 -10.47 -9.34
N GLU B 266 12.25 -10.36 -9.78
CA GLU B 266 11.83 -9.99 -11.14
C GLU B 266 12.40 -8.62 -11.51
N ILE B 267 12.53 -7.67 -10.54
CA ILE B 267 13.10 -6.32 -10.79
C ILE B 267 14.61 -6.41 -10.89
N ASP B 268 15.17 -7.08 -9.87
CA ASP B 268 16.65 -7.27 -9.83
C ASP B 268 17.18 -7.88 -11.15
N ARG B 269 16.55 -8.98 -11.61
CA ARG B 269 16.98 -9.63 -12.86
C ARG B 269 17.19 -8.57 -13.97
N LEU B 270 16.19 -7.73 -14.16
CA LEU B 270 16.19 -6.69 -15.19
C LEU B 270 17.24 -5.61 -14.94
N LEU B 271 17.43 -5.20 -13.68
CA LEU B 271 18.42 -4.13 -13.42
C LEU B 271 19.81 -4.73 -13.56
N GLU B 272 20.10 -5.96 -13.22
CA GLU B 272 21.48 -6.49 -13.38
C GLU B 272 21.87 -6.86 -14.80
N GLN B 273 20.85 -7.07 -15.61
CA GLN B 273 20.90 -7.39 -17.03
C GLN B 273 21.73 -6.43 -17.89
N LYS B 274 21.53 -5.15 -17.71
CA LYS B 274 22.24 -4.10 -18.45
C LYS B 274 23.20 -3.41 -17.50
N PRO B 275 24.44 -3.18 -17.93
CA PRO B 275 25.45 -2.47 -17.11
C PRO B 275 24.97 -1.05 -16.79
N ARG B 276 24.35 -0.37 -17.74
CA ARG B 276 23.82 0.96 -17.50
C ARG B 276 22.41 1.05 -18.06
N LEU B 277 21.61 1.88 -17.43
CA LEU B 277 20.26 2.11 -17.94
C LEU B 277 20.02 3.63 -18.16
N THR B 278 19.29 3.86 -19.24
CA THR B 278 18.81 5.20 -19.63
C THR B 278 17.43 5.29 -18.95
N ALA B 279 16.84 6.48 -18.99
CA ALA B 279 15.53 6.80 -18.42
C ALA B 279 14.43 6.01 -19.12
N ASP B 280 14.54 5.90 -20.43
CA ASP B 280 13.53 5.11 -21.20
C ASP B 280 13.58 3.61 -20.82
N GLN B 281 14.79 3.17 -20.60
CA GLN B 281 15.02 1.78 -20.17
C GLN B 281 14.49 1.65 -18.75
N ALA B 282 14.76 2.63 -17.87
CA ALA B 282 14.25 2.55 -16.47
C ALA B 282 12.73 2.59 -16.47
N TRP B 283 12.12 3.34 -17.36
CA TRP B 283 10.66 3.47 -17.44
C TRP B 283 10.07 2.13 -17.94
N ASP B 284 10.79 1.58 -18.90
CA ASP B 284 10.41 0.34 -19.57
C ASP B 284 10.24 -0.86 -18.67
N VAL B 285 10.96 -0.91 -17.57
CA VAL B 285 10.87 -1.97 -16.53
C VAL B 285 9.43 -2.00 -16.03
N ILE B 286 8.65 -0.92 -16.09
CA ILE B 286 7.26 -0.92 -15.64
C ILE B 286 6.47 -1.86 -16.57
N ARG B 287 6.66 -1.67 -17.88
CA ARG B 287 5.94 -2.52 -18.84
C ARG B 287 6.24 -4.04 -18.64
N GLN B 288 7.53 -4.38 -18.51
CA GLN B 288 7.90 -5.81 -18.34
C GLN B 288 7.34 -6.43 -17.04
N THR B 289 7.61 -5.78 -15.91
CA THR B 289 7.11 -6.27 -14.61
C THR B 289 5.61 -6.23 -14.54
N SER B 290 4.85 -5.38 -15.25
CA SER B 290 3.42 -5.30 -15.28
C SER B 290 2.77 -6.63 -15.79
N ARG B 291 3.47 -7.19 -16.79
CA ARG B 291 3.09 -8.39 -17.55
C ARG B 291 3.69 -9.76 -17.18
N GLN B 292 4.65 -9.75 -16.28
CA GLN B 292 5.39 -10.96 -15.83
C GLN B 292 4.62 -11.86 -14.90
N ASP B 293 4.49 -13.16 -15.27
CA ASP B 293 3.87 -14.21 -14.42
C ASP B 293 4.87 -14.37 -13.25
N LEU B 294 4.40 -14.32 -12.01
CA LEU B 294 5.30 -14.43 -10.86
C LEU B 294 5.70 -15.83 -10.37
N ASN B 295 4.97 -16.84 -10.84
CA ASN B 295 5.24 -18.24 -10.43
C ASN B 295 6.12 -19.02 -11.40
N LEU B 296 6.18 -18.66 -12.68
CA LEU B 296 6.96 -19.40 -13.67
C LEU B 296 8.37 -19.74 -13.18
N ARG B 297 9.09 -18.66 -12.85
CA ARG B 297 10.47 -18.68 -12.38
C ARG B 297 10.64 -19.64 -11.20
N LEU B 298 9.80 -19.68 -10.19
CA LEU B 298 9.88 -20.46 -9.00
C LEU B 298 9.69 -22.00 -9.18
N PHE B 299 8.72 -22.41 -10.00
CA PHE B 299 8.41 -23.82 -10.15
C PHE B 299 8.74 -24.45 -11.51
N LEU B 300 9.27 -23.75 -12.47
CA LEU B 300 9.62 -24.36 -13.77
C LEU B 300 10.67 -25.46 -13.58
N PRO B 301 11.79 -25.23 -12.91
CA PRO B 301 12.80 -26.28 -12.64
C PRO B 301 12.23 -27.58 -12.07
N THR B 302 11.33 -27.54 -11.13
CA THR B 302 10.59 -28.56 -10.45
C THR B 302 9.71 -29.41 -11.42
N LEU B 303 9.02 -28.70 -12.31
CA LEU B 303 8.17 -29.33 -13.33
C LEU B 303 9.02 -29.99 -14.40
N GLN B 304 10.14 -29.46 -14.76
CA GLN B 304 11.08 -29.91 -15.76
C GLN B 304 11.71 -31.23 -15.28
N ALA B 305 12.20 -31.20 -14.06
CA ALA B 305 12.80 -32.40 -13.45
C ALA B 305 11.78 -33.53 -13.38
N ALA B 306 10.55 -33.27 -12.95
CA ALA B 306 9.54 -34.29 -12.85
C ALA B 306 9.08 -34.92 -14.18
N THR B 307 9.13 -34.27 -15.30
CA THR B 307 8.64 -34.76 -16.58
C THR B 307 9.74 -35.16 -17.55
N SER B 308 10.96 -35.12 -17.07
CA SER B 308 12.17 -35.45 -17.87
C SER B 308 12.16 -36.89 -18.42
N GLY B 309 11.70 -37.87 -17.66
CA GLY B 309 11.66 -39.24 -18.19
C GLY B 309 10.35 -39.66 -18.84
N LEU B 310 9.43 -38.75 -19.10
CA LEU B 310 8.14 -38.99 -19.74
C LEU B 310 8.31 -38.84 -21.27
N THR B 311 7.34 -39.51 -21.88
CA THR B 311 7.20 -39.59 -23.34
C THR B 311 6.52 -38.31 -23.83
N GLN B 312 6.87 -37.99 -25.07
CA GLN B 312 6.35 -36.87 -25.87
C GLN B 312 4.85 -36.96 -26.03
N SER B 313 4.24 -38.12 -26.16
CA SER B 313 2.78 -38.34 -26.29
C SER B 313 2.08 -38.18 -24.91
N ASP B 314 2.85 -38.05 -23.84
CA ASP B 314 2.35 -37.85 -22.48
C ASP B 314 1.96 -36.36 -22.32
N PRO B 315 0.67 -36.17 -22.07
CA PRO B 315 0.07 -34.82 -21.93
C PRO B 315 0.68 -33.97 -20.80
N ARG B 316 1.06 -34.57 -19.70
CA ARG B 316 1.72 -33.92 -18.55
C ARG B 316 3.07 -33.40 -19.00
N ARG B 317 3.73 -34.09 -19.94
CA ARG B 317 5.00 -33.63 -20.47
C ARG B 317 4.78 -32.45 -21.45
N GLN B 318 3.72 -32.50 -22.22
CA GLN B 318 3.35 -31.47 -23.21
C GLN B 318 3.18 -30.08 -22.57
N LEU B 319 2.40 -30.07 -21.48
CA LEU B 319 2.08 -28.93 -20.62
C LEU B 319 3.41 -28.29 -20.15
N VAL B 320 4.41 -29.09 -19.70
CA VAL B 320 5.71 -28.56 -19.25
C VAL B 320 6.49 -28.02 -20.44
N GLU B 321 6.28 -28.63 -21.60
CA GLU B 321 7.02 -28.06 -22.75
C GLU B 321 6.51 -26.73 -23.23
N THR B 322 5.24 -26.53 -23.08
CA THR B 322 4.58 -25.24 -23.38
C THR B 322 5.20 -24.09 -22.56
N LEU B 323 5.30 -24.32 -21.25
CA LEU B 323 5.90 -23.44 -20.25
C LEU B 323 7.37 -23.23 -20.51
N THR B 324 8.05 -24.28 -20.97
CA THR B 324 9.50 -24.13 -21.26
C THR B 324 9.76 -23.18 -22.42
N ARG B 325 8.83 -23.19 -23.37
CA ARG B 325 8.86 -22.36 -24.56
C ARG B 325 8.49 -20.88 -24.29
N TRP B 326 7.87 -20.59 -23.15
CA TRP B 326 7.37 -19.30 -22.67
C TRP B 326 8.35 -18.53 -21.78
N ASP B 327 8.31 -17.20 -21.99
CA ASP B 327 9.11 -16.20 -21.22
C ASP B 327 8.39 -15.65 -19.96
N GLY B 328 7.14 -16.01 -19.75
CA GLY B 328 6.36 -15.59 -18.60
C GLY B 328 5.71 -14.22 -18.86
N ILE B 329 5.91 -13.56 -19.98
CA ILE B 329 5.28 -12.27 -20.26
C ILE B 329 3.91 -12.46 -20.92
N ASN B 330 2.85 -12.05 -20.24
CA ASN B 330 1.47 -12.16 -20.71
C ASN B 330 1.19 -10.98 -21.69
N LEU B 331 0.58 -11.35 -22.80
CA LEU B 331 0.23 -10.39 -23.85
C LEU B 331 -1.20 -10.62 -24.28
N LEU B 332 -2.01 -9.59 -24.52
CA LEU B 332 -3.38 -9.90 -24.97
C LEU B 332 -3.39 -10.24 -26.47
N ASN B 333 -4.38 -11.07 -26.80
CA ASN B 333 -4.63 -11.45 -28.22
C ASN B 333 -5.36 -10.21 -28.77
N ASP B 334 -5.56 -10.26 -30.07
CA ASP B 334 -6.26 -9.24 -30.87
C ASP B 334 -7.69 -8.95 -30.42
N ASP B 335 -8.34 -9.90 -29.77
CA ASP B 335 -9.69 -9.90 -29.26
C ASP B 335 -9.91 -9.04 -28.00
N GLY B 336 -8.83 -8.56 -27.40
CA GLY B 336 -8.82 -7.80 -26.17
C GLY B 336 -9.39 -8.61 -25.01
N LYS B 337 -9.41 -9.96 -25.01
CA LYS B 337 -9.98 -10.68 -23.86
C LYS B 337 -9.22 -11.95 -23.45
N THR B 338 -8.37 -12.42 -24.31
CA THR B 338 -7.65 -13.66 -23.96
C THR B 338 -6.16 -13.44 -24.09
N TRP B 339 -5.44 -14.24 -23.34
CA TRP B 339 -3.96 -14.17 -23.37
C TRP B 339 -3.39 -15.03 -24.51
N GLN B 340 -2.26 -14.66 -25.01
CA GLN B 340 -1.56 -15.28 -26.12
C GLN B 340 -1.11 -16.70 -25.78
N GLN B 341 -0.65 -16.96 -24.60
CA GLN B 341 -0.17 -18.24 -24.10
C GLN B 341 -0.99 -18.65 -22.89
N PRO B 342 -1.18 -19.98 -22.72
CA PRO B 342 -1.96 -20.51 -21.60
C PRO B 342 -1.14 -20.69 -20.33
N GLY B 343 0.10 -20.32 -20.25
CA GLY B 343 0.96 -20.51 -19.08
C GLY B 343 0.37 -20.24 -17.70
N SER B 344 -0.25 -19.03 -17.54
CA SER B 344 -0.83 -18.65 -16.23
C SER B 344 -1.96 -19.56 -15.86
N ALA B 345 -2.80 -19.95 -16.81
CA ALA B 345 -3.92 -20.87 -16.53
C ALA B 345 -3.41 -22.26 -16.01
N ILE B 346 -2.37 -22.79 -16.64
CA ILE B 346 -1.69 -24.05 -16.27
C ILE B 346 -1.10 -23.97 -14.86
N LEU B 347 -0.26 -22.92 -14.65
CA LEU B 347 0.33 -22.73 -13.30
C LEU B 347 -0.71 -22.56 -12.22
N ASN B 348 -1.82 -21.92 -12.58
CA ASN B 348 -2.90 -21.67 -11.60
C ASN B 348 -3.52 -22.99 -11.19
N VAL B 349 -3.89 -23.85 -12.15
CA VAL B 349 -4.53 -25.16 -11.84
C VAL B 349 -3.53 -26.11 -11.13
N TRP B 350 -2.32 -26.12 -11.67
CA TRP B 350 -1.28 -26.97 -11.04
C TRP B 350 -1.06 -26.61 -9.58
N LEU B 351 -0.82 -25.28 -9.37
CA LEU B 351 -0.55 -24.76 -8.02
C LEU B 351 -1.71 -25.00 -7.08
N THR B 352 -2.94 -24.84 -7.49
CA THR B 352 -4.08 -25.09 -6.61
C THR B 352 -4.08 -26.56 -6.12
N SER B 353 -3.79 -27.46 -7.08
CA SER B 353 -3.78 -28.92 -6.87
C SER B 353 -2.63 -29.28 -5.91
N MET B 354 -1.46 -28.73 -6.19
CA MET B 354 -0.28 -28.93 -5.36
C MET B 354 -0.57 -28.50 -3.92
N LEU B 355 -1.19 -27.35 -3.70
CA LEU B 355 -1.46 -26.82 -2.35
C LEU B 355 -2.42 -27.75 -1.61
N LYS B 356 -3.45 -28.19 -2.32
CA LYS B 356 -4.44 -29.10 -1.73
C LYS B 356 -3.84 -30.42 -1.26
N ARG B 357 -2.86 -30.97 -1.96
CA ARG B 357 -2.15 -32.21 -1.60
C ARG B 357 -1.06 -32.06 -0.56
N THR B 358 -0.50 -30.86 -0.38
CA THR B 358 0.63 -30.62 0.54
C THR B 358 0.34 -29.75 1.76
N VAL B 359 0.48 -28.42 1.62
CA VAL B 359 0.23 -27.48 2.75
C VAL B 359 -1.16 -27.61 3.35
N VAL B 360 -2.23 -27.63 2.53
CA VAL B 360 -3.61 -27.71 3.01
C VAL B 360 -3.86 -28.97 3.83
N ALA B 361 -3.31 -30.08 3.36
CA ALA B 361 -3.44 -31.39 4.02
C ALA B 361 -2.79 -31.37 5.41
N ALA B 362 -1.67 -30.73 5.59
CA ALA B 362 -0.98 -30.64 6.88
C ALA B 362 -1.66 -29.70 7.90
N VAL B 363 -2.56 -28.78 7.55
CA VAL B 363 -3.23 -27.90 8.49
C VAL B 363 -4.68 -28.26 8.79
N PRO B 364 -4.99 -28.22 10.10
CA PRO B 364 -6.35 -28.50 10.57
C PRO B 364 -7.33 -27.45 10.03
N MET B 365 -8.55 -27.88 9.82
CA MET B 365 -9.66 -27.05 9.38
C MET B 365 -10.05 -26.20 10.61
N PRO B 366 -10.43 -24.96 10.37
CA PRO B 366 -10.54 -24.30 9.08
C PRO B 366 -9.36 -23.43 8.69
N PHE B 367 -8.23 -23.66 9.32
CA PHE B 367 -6.99 -22.92 9.08
C PHE B 367 -6.43 -23.32 7.71
N ASP B 368 -6.89 -24.44 7.20
CA ASP B 368 -6.44 -24.94 5.89
C ASP B 368 -6.83 -24.00 4.77
N LYS B 369 -7.93 -23.26 4.91
CA LYS B 369 -8.37 -22.29 3.90
C LYS B 369 -7.41 -21.10 3.75
N TRP B 370 -6.60 -20.82 4.76
CA TRP B 370 -5.62 -19.75 4.66
C TRP B 370 -4.50 -20.10 3.68
N TYR B 371 -4.23 -21.36 3.40
CA TYR B 371 -3.10 -21.75 2.54
C TYR B 371 -3.46 -22.29 1.18
N SER B 372 -4.73 -22.31 0.86
CA SER B 372 -5.14 -22.87 -0.41
C SER B 372 -5.09 -21.97 -1.64
N ALA B 373 -4.92 -20.63 -1.50
CA ALA B 373 -4.91 -19.74 -2.68
C ALA B 373 -3.64 -19.86 -3.48
N SER B 374 -3.80 -19.87 -4.78
CA SER B 374 -2.67 -19.95 -5.72
C SER B 374 -2.10 -18.54 -6.04
N GLY B 375 -2.88 -17.50 -5.91
CA GLY B 375 -2.64 -16.08 -6.12
C GLY B 375 -3.01 -15.56 -7.50
N TYR B 376 -3.99 -16.23 -8.08
CA TYR B 376 -4.44 -15.87 -9.43
C TYR B 376 -5.92 -15.49 -9.32
N GLU B 377 -6.46 -15.74 -8.15
CA GLU B 377 -7.87 -15.45 -7.86
C GLU B 377 -8.18 -14.00 -8.17
N THR B 378 -9.25 -13.82 -8.91
CA THR B 378 -9.73 -12.50 -9.33
C THR B 378 -11.24 -12.58 -9.58
N THR B 379 -11.83 -11.61 -10.12
CA THR B 379 -13.23 -11.62 -10.50
C THR B 379 -13.24 -11.00 -11.90
N GLN B 380 -14.44 -10.61 -12.26
CA GLN B 380 -14.74 -9.97 -13.58
C GLN B 380 -14.02 -8.61 -13.67
N ASP B 381 -14.01 -7.81 -12.61
CA ASP B 381 -13.34 -6.49 -12.57
C ASP B 381 -11.81 -6.60 -12.48
N GLY B 382 -11.29 -7.79 -12.31
CA GLY B 382 -9.88 -8.19 -12.19
C GLY B 382 -9.47 -8.01 -10.74
N PRO B 383 -8.17 -8.15 -10.50
CA PRO B 383 -7.60 -7.95 -9.15
C PRO B 383 -7.81 -6.51 -8.65
N THR B 384 -8.04 -6.44 -7.34
CA THR B 384 -8.26 -5.25 -6.52
C THR B 384 -6.95 -4.50 -6.17
N GLY B 385 -5.86 -5.24 -6.34
CA GLY B 385 -4.51 -4.68 -6.07
C GLY B 385 -3.52 -5.48 -6.95
N SER B 386 -2.29 -5.39 -6.44
CA SER B 386 -1.19 -6.12 -7.05
C SER B 386 -1.32 -7.69 -6.94
N LEU B 387 -0.66 -8.31 -7.91
CA LEU B 387 -0.44 -9.75 -8.01
C LEU B 387 0.85 -9.95 -7.20
N ASN B 388 0.82 -11.05 -6.42
CA ASN B 388 1.89 -11.55 -5.58
C ASN B 388 1.87 -13.14 -5.59
N ILE B 389 2.93 -13.65 -4.99
CA ILE B 389 3.11 -15.11 -4.77
C ILE B 389 2.29 -15.40 -3.55
N SER B 390 1.35 -16.31 -3.51
CA SER B 390 0.52 -16.58 -2.31
C SER B 390 1.36 -17.16 -1.17
N VAL B 391 0.83 -17.07 0.03
CA VAL B 391 1.50 -17.57 1.21
C VAL B 391 1.78 -19.14 1.03
N GLY B 392 0.76 -19.89 0.61
CA GLY B 392 0.84 -21.35 0.40
C GLY B 392 1.98 -21.63 -0.58
N ALA B 393 2.06 -20.81 -1.64
CA ALA B 393 3.12 -20.93 -2.66
C ALA B 393 4.50 -20.67 -2.11
N LYS B 394 4.65 -19.66 -1.20
CA LYS B 394 5.97 -19.40 -0.58
C LYS B 394 6.38 -20.59 0.35
N ILE B 395 5.44 -21.11 1.09
CA ILE B 395 5.66 -22.28 1.94
C ILE B 395 5.99 -23.52 1.04
N LEU B 396 5.25 -23.78 -0.04
CA LEU B 396 5.57 -24.92 -0.97
C LEU B 396 6.96 -24.72 -1.56
N TYR B 397 7.45 -23.52 -1.88
CA TYR B 397 8.76 -23.32 -2.46
C TYR B 397 9.91 -23.79 -1.56
N GLU B 398 9.77 -23.55 -0.27
CA GLU B 398 10.75 -23.93 0.75
C GLU B 398 10.79 -25.49 0.75
N ALA B 399 9.64 -26.13 0.75
CA ALA B 399 9.47 -27.60 0.72
C ALA B 399 10.16 -28.25 -0.51
N VAL B 400 9.99 -27.68 -1.69
CA VAL B 400 10.60 -28.15 -2.95
C VAL B 400 12.09 -27.81 -2.99
N GLN B 401 12.61 -27.06 -2.02
CA GLN B 401 14.02 -26.71 -1.93
C GLN B 401 14.72 -27.83 -1.13
N GLY B 402 13.88 -28.56 -0.43
CA GLY B 402 14.32 -29.66 0.43
C GLY B 402 15.29 -29.06 1.47
N ASP B 403 16.49 -29.61 1.38
CA ASP B 403 17.60 -29.26 2.29
C ASP B 403 18.33 -27.97 1.93
N LYS B 404 18.06 -27.40 0.75
CA LYS B 404 18.68 -26.10 0.38
C LYS B 404 17.95 -24.95 1.09
N SER B 405 16.75 -25.18 1.59
CA SER B 405 15.88 -24.30 2.35
C SER B 405 16.35 -24.26 3.81
N PRO B 406 16.46 -23.03 4.32
CA PRO B 406 16.83 -22.80 5.71
C PRO B 406 15.73 -23.07 6.71
N ILE B 407 14.51 -23.29 6.27
CA ILE B 407 13.36 -23.52 7.13
C ILE B 407 13.23 -25.02 7.39
N PRO B 408 13.43 -25.39 8.65
CA PRO B 408 13.32 -26.81 9.10
C PRO B 408 11.93 -27.33 8.82
N GLN B 409 11.90 -28.46 8.11
CA GLN B 409 10.61 -29.09 7.73
C GLN B 409 10.11 -30.03 8.80
N ALA B 410 9.47 -29.49 9.83
CA ALA B 410 8.91 -30.24 10.95
C ALA B 410 7.95 -31.31 10.46
N VAL B 411 7.14 -31.11 9.47
CA VAL B 411 6.22 -32.07 8.88
C VAL B 411 6.65 -32.11 7.38
N ASP B 412 6.70 -33.34 6.89
CA ASP B 412 7.03 -33.52 5.45
C ASP B 412 5.64 -33.35 4.78
N LEU B 413 5.67 -32.24 3.92
CA LEU B 413 4.47 -31.82 3.20
C LEU B 413 4.08 -32.78 2.08
N PHE B 414 5.04 -33.53 1.63
CA PHE B 414 4.83 -34.58 0.61
C PHE B 414 4.40 -35.93 1.21
N ALA B 415 4.21 -36.00 2.49
CA ALA B 415 3.74 -37.11 3.31
C ALA B 415 4.24 -38.52 2.97
N GLY B 416 5.55 -38.59 2.82
CA GLY B 416 6.37 -39.75 2.52
C GLY B 416 6.54 -40.11 1.06
N LYS B 417 5.82 -39.43 0.15
CA LYS B 417 5.95 -39.70 -1.30
C LYS B 417 7.05 -38.83 -1.88
N PRO B 418 7.72 -39.36 -2.89
CA PRO B 418 8.78 -38.60 -3.56
C PRO B 418 8.07 -37.43 -4.24
N GLN B 419 8.72 -36.31 -4.25
CA GLN B 419 8.24 -35.07 -4.84
C GLN B 419 7.64 -35.21 -6.22
N GLN B 420 8.42 -35.85 -7.06
CA GLN B 420 8.08 -36.12 -8.47
C GLN B 420 6.72 -36.78 -8.60
N GLU B 421 6.39 -37.68 -7.72
CA GLU B 421 5.08 -38.30 -7.81
C GLU B 421 3.93 -37.39 -7.46
N VAL B 422 4.12 -36.46 -6.52
CA VAL B 422 3.06 -35.46 -6.15
C VAL B 422 2.94 -34.44 -7.33
N VAL B 423 4.06 -34.01 -7.86
CA VAL B 423 4.11 -33.06 -8.99
C VAL B 423 3.36 -33.67 -10.19
N LEU B 424 3.67 -34.93 -10.56
CA LEU B 424 2.99 -35.60 -11.69
C LEU B 424 1.53 -35.78 -11.39
N ALA B 425 1.11 -36.11 -10.19
CA ALA B 425 -0.30 -36.26 -9.85
C ALA B 425 -1.04 -34.92 -10.07
N ALA B 426 -0.48 -33.76 -9.67
CA ALA B 426 -1.05 -32.42 -9.81
C ALA B 426 -1.12 -32.07 -11.30
N LEU B 427 -0.10 -32.45 -12.06
CA LEU B 427 -0.05 -32.22 -13.50
C LEU B 427 -1.16 -32.97 -14.24
N GLU B 428 -1.56 -34.11 -13.69
CA GLU B 428 -2.62 -34.97 -14.25
C GLU B 428 -3.96 -34.30 -14.02
N ASP B 429 -4.08 -33.74 -12.84
CA ASP B 429 -5.25 -32.95 -12.43
C ASP B 429 -5.40 -31.75 -13.39
N THR B 430 -4.27 -31.10 -13.64
CA THR B 430 -4.24 -29.90 -14.50
C THR B 430 -4.77 -30.21 -15.88
N TRP B 431 -4.09 -31.22 -16.46
CA TRP B 431 -4.50 -31.67 -17.80
C TRP B 431 -5.97 -32.09 -17.85
N GLU B 432 -6.41 -32.87 -16.89
CA GLU B 432 -7.80 -33.33 -16.84
C GLU B 432 -8.77 -32.15 -16.84
N THR B 433 -8.54 -31.15 -16.00
CA THR B 433 -9.34 -29.94 -15.87
C THR B 433 -9.36 -29.02 -17.08
N LEU B 434 -8.19 -28.70 -17.59
CA LEU B 434 -8.06 -27.78 -18.72
C LEU B 434 -8.47 -28.32 -20.06
N SER B 435 -8.11 -29.57 -20.36
CA SER B 435 -8.40 -30.30 -21.61
C SER B 435 -9.92 -30.46 -21.77
N LYS B 436 -10.57 -30.60 -20.64
CA LYS B 436 -12.03 -30.72 -20.54
C LYS B 436 -12.74 -29.45 -21.00
N ARG B 437 -12.18 -28.28 -20.66
CA ARG B 437 -12.75 -26.99 -21.03
C ARG B 437 -12.32 -26.48 -22.40
N TYR B 438 -11.05 -26.64 -22.75
CA TYR B 438 -10.47 -26.16 -24.01
C TYR B 438 -10.18 -27.21 -25.08
N GLY B 439 -10.23 -28.49 -24.76
CA GLY B 439 -9.91 -29.52 -25.79
C GLY B 439 -8.47 -29.96 -25.55
N ASN B 440 -8.07 -30.82 -26.48
CA ASN B 440 -6.76 -31.51 -26.47
C ASN B 440 -5.59 -30.84 -27.15
N ASN B 441 -5.99 -29.91 -28.00
CA ASN B 441 -4.98 -29.13 -28.78
C ASN B 441 -4.53 -27.90 -27.99
N VAL B 442 -3.50 -28.05 -27.19
CA VAL B 442 -2.93 -27.00 -26.35
C VAL B 442 -2.58 -25.71 -27.10
N SER B 443 -2.21 -25.81 -28.35
CA SER B 443 -1.84 -24.72 -29.25
C SER B 443 -3.00 -23.77 -29.60
N ASN B 444 -4.23 -24.19 -29.41
CA ASN B 444 -5.37 -23.32 -29.70
C ASN B 444 -6.12 -22.97 -28.41
N TRP B 445 -5.49 -23.12 -27.24
CA TRP B 445 -6.09 -22.77 -25.94
C TRP B 445 -6.10 -21.21 -25.89
N LYS B 446 -7.28 -20.67 -25.70
CA LYS B 446 -7.48 -19.20 -25.63
C LYS B 446 -8.02 -18.90 -24.23
N THR B 447 -7.07 -18.69 -23.34
CA THR B 447 -7.34 -18.47 -21.90
C THR B 447 -7.66 -17.00 -21.63
N PRO B 448 -8.52 -16.86 -20.64
CA PRO B 448 -9.00 -15.53 -20.25
C PRO B 448 -7.93 -14.71 -19.53
N ALA B 449 -7.80 -13.49 -20.05
CA ALA B 449 -6.91 -12.40 -19.57
C ALA B 449 -7.54 -11.72 -18.35
N MET B 450 -6.76 -11.19 -17.43
CA MET B 450 -7.28 -10.47 -16.27
C MET B 450 -7.49 -9.00 -16.79
N ALA B 451 -8.51 -8.40 -16.22
CA ALA B 451 -8.82 -6.99 -16.57
C ALA B 451 -8.56 -6.08 -15.34
N LEU B 452 -8.63 -4.79 -15.63
CA LEU B 452 -8.45 -3.64 -14.69
C LEU B 452 -9.70 -2.73 -14.60
N THR B 453 -10.10 -2.50 -13.35
CA THR B 453 -11.26 -1.66 -13.02
C THR B 453 -10.87 -0.51 -12.08
N PHE B 454 -11.23 0.70 -12.51
CA PHE B 454 -11.06 2.00 -11.78
C PHE B 454 -12.41 2.15 -11.07
N ARG B 455 -12.44 1.71 -9.83
CA ARG B 455 -13.63 1.65 -8.99
C ARG B 455 -14.12 3.04 -8.44
N ALA B 456 -15.45 3.08 -8.43
CA ALA B 456 -16.26 4.21 -7.95
C ALA B 456 -16.34 4.22 -6.43
N ASN B 457 -16.09 3.10 -5.74
CA ASN B 457 -16.07 2.97 -4.27
C ASN B 457 -14.58 3.08 -3.85
N ASN B 458 -14.34 3.79 -2.75
CA ASN B 458 -12.92 3.94 -2.30
C ASN B 458 -12.49 2.61 -1.64
N PHE B 459 -11.25 2.48 -1.22
CA PHE B 459 -10.73 1.24 -0.62
C PHE B 459 -11.54 0.77 0.58
N PHE B 460 -12.27 1.58 1.30
CA PHE B 460 -13.09 1.19 2.45
C PHE B 460 -14.40 0.56 2.01
N GLY B 461 -14.72 0.62 0.73
CA GLY B 461 -15.99 0.10 0.18
C GLY B 461 -17.10 1.18 0.17
N VAL B 462 -16.70 2.44 0.36
CA VAL B 462 -17.59 3.59 0.42
C VAL B 462 -17.55 4.35 -0.93
N PRO B 463 -18.74 4.62 -1.44
CA PRO B 463 -18.86 5.38 -2.68
C PRO B 463 -18.15 6.74 -2.58
N GLN B 464 -17.39 7.08 -3.62
CA GLN B 464 -16.66 8.34 -3.73
C GLN B 464 -16.94 8.95 -5.12
N ALA B 465 -17.93 8.30 -5.76
CA ALA B 465 -18.39 8.64 -7.11
C ALA B 465 -19.66 7.85 -7.39
N ALA B 466 -20.29 8.23 -8.50
CA ALA B 466 -21.53 7.51 -8.91
C ALA B 466 -21.01 6.22 -9.57
N ALA B 467 -21.81 5.16 -9.44
CA ALA B 467 -21.50 3.79 -9.98
C ALA B 467 -21.12 3.78 -11.45
N GLU B 468 -21.79 4.60 -12.26
CA GLU B 468 -21.57 4.86 -13.67
C GLU B 468 -20.23 5.48 -13.95
N GLU B 469 -19.53 6.04 -12.92
CA GLU B 469 -18.22 6.67 -13.07
C GLU B 469 -17.06 5.68 -13.12
N THR B 470 -17.38 4.40 -12.85
CA THR B 470 -16.44 3.26 -12.91
C THR B 470 -15.85 3.15 -14.33
N ARG B 471 -14.55 3.00 -14.45
CA ARG B 471 -13.84 2.86 -15.72
C ARG B 471 -13.18 1.46 -15.70
N HIS B 472 -13.05 0.91 -16.90
CA HIS B 472 -12.49 -0.38 -17.27
C HIS B 472 -11.36 -0.31 -18.27
N GLN B 473 -10.31 -1.04 -17.94
CA GLN B 473 -9.12 -1.11 -18.84
C GLN B 473 -9.07 -2.62 -19.23
N ALA B 474 -8.88 -2.96 -20.49
CA ALA B 474 -8.84 -4.38 -20.98
C ALA B 474 -7.67 -5.14 -20.39
N GLU B 475 -6.49 -4.54 -20.37
CA GLU B 475 -5.35 -5.24 -19.80
C GLU B 475 -4.97 -4.92 -18.36
N TYR B 476 -5.01 -5.95 -17.52
CA TYR B 476 -4.60 -5.91 -16.12
C TYR B 476 -3.09 -5.69 -16.22
N GLN B 477 -2.57 -4.74 -15.41
CA GLN B 477 -1.14 -4.37 -15.38
C GLN B 477 -0.73 -4.42 -13.92
N ASN B 478 0.28 -5.22 -13.55
CA ASN B 478 0.72 -5.33 -12.14
C ASN B 478 1.70 -4.18 -11.92
N ARG B 479 1.16 -2.95 -11.72
CA ARG B 479 1.94 -1.71 -11.61
C ARG B 479 1.34 -0.67 -10.65
N GLY B 480 2.10 0.47 -10.50
CA GLY B 480 1.58 1.50 -9.59
C GLY B 480 0.24 2.03 -10.06
N THR B 481 -0.56 2.44 -9.10
CA THR B 481 -1.80 3.22 -9.18
C THR B 481 -1.52 4.53 -10.03
N GLU B 482 -0.33 5.00 -9.83
CA GLU B 482 0.36 6.07 -10.51
C GLU B 482 1.81 5.61 -10.65
N ASN B 483 2.53 6.14 -11.62
CA ASN B 483 3.94 5.96 -11.88
C ASN B 483 4.53 7.41 -12.11
N ASP B 484 5.68 7.50 -11.44
CA ASP B 484 6.39 8.81 -11.57
C ASP B 484 7.86 8.47 -11.76
N MET B 485 8.56 9.27 -12.56
CA MET B 485 9.99 9.15 -12.86
C MET B 485 10.66 10.57 -12.74
N ILE B 486 11.77 10.57 -12.02
CA ILE B 486 12.60 11.76 -11.84
C ILE B 486 13.98 11.48 -12.39
N VAL B 487 14.50 12.24 -13.31
CA VAL B 487 15.85 12.13 -13.90
C VAL B 487 16.70 13.38 -13.56
N PHE B 488 17.75 13.20 -12.77
CA PHE B 488 18.67 14.26 -12.35
C PHE B 488 19.90 14.29 -13.26
N SER B 489 20.22 15.52 -13.64
CA SER B 489 21.31 15.92 -14.51
C SER B 489 21.33 15.19 -15.88
N PRO B 490 20.22 15.31 -16.60
CA PRO B 490 20.14 14.71 -17.93
C PRO B 490 21.29 15.33 -18.71
N THR B 491 21.90 14.62 -19.62
CA THR B 491 22.99 15.11 -20.47
C THR B 491 22.36 15.64 -21.77
N THR B 492 21.12 15.30 -21.90
CA THR B 492 20.12 15.50 -22.93
C THR B 492 19.38 16.83 -22.91
N SER B 493 19.48 17.59 -21.81
CA SER B 493 18.86 18.87 -21.51
C SER B 493 19.84 19.76 -20.75
N ASP B 494 19.36 20.97 -20.64
CA ASP B 494 19.91 22.18 -20.02
C ASP B 494 19.36 22.29 -18.58
N ARG B 495 18.32 21.46 -18.43
CA ARG B 495 17.59 21.33 -17.18
C ARG B 495 18.34 20.29 -16.35
N PRO B 496 18.52 20.68 -15.09
CA PRO B 496 19.16 19.85 -14.07
C PRO B 496 18.32 18.68 -13.55
N VAL B 497 17.01 18.73 -13.72
CA VAL B 497 15.97 17.80 -13.39
C VAL B 497 14.88 17.78 -14.48
N LEU B 498 14.40 16.53 -14.67
CA LEU B 498 13.27 16.21 -15.58
C LEU B 498 12.39 15.25 -14.76
N ALA B 499 11.10 15.35 -14.74
CA ALA B 499 10.17 14.51 -13.99
C ALA B 499 8.92 14.31 -14.81
N TRP B 500 8.27 13.17 -14.68
CA TRP B 500 7.05 12.76 -15.37
C TRP B 500 6.16 11.97 -14.41
N ASP B 501 4.86 11.93 -14.67
CA ASP B 501 3.92 11.16 -13.85
C ASP B 501 2.73 10.88 -14.77
N VAL B 502 1.72 10.27 -14.21
CA VAL B 502 0.46 9.90 -14.89
C VAL B 502 -0.52 9.74 -13.73
N VAL B 503 -1.63 10.44 -13.70
CA VAL B 503 -2.64 10.46 -12.63
C VAL B 503 -3.98 10.24 -13.33
N ALA B 504 -4.38 8.97 -13.39
CA ALA B 504 -5.59 8.57 -14.10
C ALA B 504 -6.72 8.34 -13.13
N PRO B 505 -7.97 8.58 -13.50
CA PRO B 505 -8.40 9.04 -14.84
C PRO B 505 -7.92 10.42 -15.26
N GLY B 506 -7.91 11.35 -14.30
CA GLY B 506 -7.45 12.74 -14.50
C GLY B 506 -7.25 13.52 -13.19
N GLN B 507 -6.84 14.80 -13.39
CA GLN B 507 -6.63 15.70 -12.24
C GLN B 507 -7.89 16.04 -11.43
N SER B 508 -8.98 16.22 -12.17
CA SER B 508 -10.25 16.63 -11.61
C SER B 508 -11.33 15.56 -11.60
N GLY B 509 -12.14 15.55 -10.55
CA GLY B 509 -13.27 14.64 -10.45
C GLY B 509 -14.55 15.49 -10.58
N PHE B 510 -14.39 16.76 -11.00
CA PHE B 510 -15.60 17.63 -11.08
C PHE B 510 -16.58 17.33 -12.24
N ILE B 511 -17.84 17.23 -11.83
CA ILE B 511 -19.05 17.10 -12.66
C ILE B 511 -20.08 18.20 -12.20
N ALA B 512 -20.35 19.14 -13.11
CA ALA B 512 -21.29 20.26 -12.81
C ALA B 512 -22.65 19.69 -12.54
N PRO B 513 -23.54 20.48 -11.94
CA PRO B 513 -24.91 20.02 -11.61
C PRO B 513 -25.72 19.55 -12.80
N ASP B 514 -25.47 20.10 -13.99
CA ASP B 514 -26.14 19.70 -15.25
C ASP B 514 -25.57 18.42 -15.87
N GLY B 515 -24.46 17.88 -15.37
CA GLY B 515 -23.88 16.65 -15.90
C GLY B 515 -22.67 16.94 -16.78
N THR B 516 -22.21 18.16 -16.66
CA THR B 516 -21.03 18.61 -17.44
C THR B 516 -19.76 18.37 -16.63
N VAL B 517 -19.04 17.44 -17.20
CA VAL B 517 -17.76 16.87 -16.80
C VAL B 517 -16.62 17.83 -17.12
N ASP B 518 -15.74 17.94 -16.14
CA ASP B 518 -14.57 18.80 -16.28
C ASP B 518 -13.73 18.37 -17.48
N LYS B 519 -13.00 19.32 -18.02
CA LYS B 519 -12.06 19.11 -19.15
C LYS B 519 -10.89 18.18 -18.80
N HIS B 520 -10.55 18.13 -17.50
CA HIS B 520 -9.45 17.31 -16.95
C HIS B 520 -9.97 16.13 -16.14
N TYR B 521 -11.16 15.66 -16.42
CA TYR B 521 -11.80 14.54 -15.75
C TYR B 521 -11.23 13.15 -16.15
N GLU B 522 -10.83 13.11 -17.42
CA GLU B 522 -10.32 11.84 -17.95
C GLU B 522 -9.35 11.99 -19.06
N ASP B 523 -8.54 13.01 -19.02
CA ASP B 523 -7.55 13.19 -20.10
C ASP B 523 -6.26 12.42 -19.82
N GLN B 524 -6.18 11.63 -18.77
CA GLN B 524 -4.93 10.86 -18.51
C GLN B 524 -5.20 9.33 -18.59
N LEU B 525 -6.41 8.95 -18.86
CA LEU B 525 -6.82 7.52 -18.90
C LEU B 525 -6.17 6.67 -20.00
N LYS B 526 -6.10 7.19 -21.20
CA LYS B 526 -5.50 6.45 -22.34
C LYS B 526 -4.01 6.46 -22.15
N MET B 527 -3.47 7.57 -21.65
CA MET B 527 -2.01 7.65 -21.38
C MET B 527 -1.60 6.51 -20.40
N TYR B 528 -2.38 6.27 -19.39
CA TYR B 528 -2.17 5.24 -18.40
C TYR B 528 -2.01 3.84 -19.06
N GLU B 529 -3.09 3.50 -19.73
CA GLU B 529 -3.14 2.21 -20.47
C GLU B 529 -1.99 1.96 -21.41
N ASN B 530 -1.48 2.89 -22.20
CA ASN B 530 -0.34 2.58 -23.06
C ASN B 530 1.05 2.96 -22.53
N PHE B 531 1.18 3.03 -21.21
CA PHE B 531 2.49 3.27 -20.58
C PHE B 531 3.10 4.64 -20.90
N GLY B 532 2.22 5.58 -21.19
CA GLY B 532 2.60 6.97 -21.49
C GLY B 532 2.84 7.73 -20.15
N ARG B 533 3.21 8.99 -20.30
CA ARG B 533 3.54 9.94 -19.22
C ARG B 533 3.58 11.41 -19.74
N LYS B 534 3.25 12.25 -18.77
CA LYS B 534 3.16 13.73 -18.87
C LYS B 534 4.26 14.39 -18.04
N SER B 535 4.84 15.51 -18.52
CA SER B 535 5.88 16.29 -17.85
C SER B 535 5.31 16.97 -16.60
N LEU B 536 6.14 16.96 -15.58
CA LEU B 536 5.88 17.62 -14.28
C LEU B 536 6.78 18.92 -14.37
N TRP B 537 6.13 20.03 -14.07
CA TRP B 537 6.87 21.35 -14.11
C TRP B 537 7.20 21.82 -12.70
N LEU B 538 8.38 22.38 -12.50
CA LEU B 538 8.88 22.98 -11.26
C LEU B 538 9.14 24.52 -11.41
N THR B 539 10.04 24.90 -12.26
CA THR B 539 10.38 26.32 -12.46
C THR B 539 9.25 27.16 -13.02
N LYS B 540 9.32 28.46 -12.66
CA LYS B 540 8.34 29.47 -13.08
C LYS B 540 8.23 29.58 -14.59
N GLN B 541 9.35 29.61 -15.27
CA GLN B 541 9.33 29.68 -16.75
C GLN B 541 8.62 28.45 -17.33
N ASP B 542 8.81 27.22 -16.83
CA ASP B 542 8.12 26.03 -17.38
C ASP B 542 6.65 26.17 -17.09
N VAL B 543 6.33 26.54 -15.86
CA VAL B 543 4.94 26.67 -15.45
C VAL B 543 4.27 27.74 -16.33
N GLU B 544 4.93 28.88 -16.51
CA GLU B 544 4.42 30.02 -17.34
C GLU B 544 4.20 29.63 -18.78
N ALA B 545 5.27 28.99 -19.27
CA ALA B 545 5.33 28.43 -20.63
C ALA B 545 4.18 27.47 -20.87
N HIS B 546 3.69 26.73 -19.88
CA HIS B 546 2.62 25.74 -20.05
C HIS B 546 1.30 26.05 -19.41
N LYS B 547 1.10 27.27 -18.93
CA LYS B 547 -0.11 27.72 -18.26
C LYS B 547 -1.36 27.60 -19.11
N GLU B 548 -2.46 27.24 -18.51
CA GLU B 548 -3.71 27.18 -19.29
C GLU B 548 -4.73 28.17 -18.67
N SER B 549 -4.39 28.57 -17.44
CA SER B 549 -5.24 29.47 -16.67
C SER B 549 -4.52 29.92 -15.39
N GLN B 550 -5.04 31.07 -14.95
CA GLN B 550 -4.60 31.83 -13.78
C GLN B 550 -5.75 32.36 -12.91
N GLU B 551 -5.57 32.25 -11.60
CA GLU B 551 -6.53 32.70 -10.59
C GLU B 551 -5.75 33.37 -9.46
N VAL B 552 -6.07 34.62 -9.14
CA VAL B 552 -5.40 35.41 -8.06
C VAL B 552 -6.44 35.72 -6.96
N LEU B 553 -6.00 35.43 -5.74
CA LEU B 553 -6.79 35.62 -4.51
C LEU B 553 -6.04 36.62 -3.61
N HIS B 554 -6.84 37.40 -2.91
CA HIS B 554 -6.36 38.42 -1.93
C HIS B 554 -7.14 38.10 -0.65
N VAL B 555 -6.43 37.51 0.27
CA VAL B 555 -6.95 37.01 1.53
C VAL B 555 -6.04 37.41 2.69
N GLN B 556 -6.71 37.73 3.80
CA GLN B 556 -5.88 38.01 5.00
C GLN B 556 -6.53 37.24 6.17
N ARG B 557 -5.59 36.70 6.96
CA ARG B 557 -5.89 35.88 8.14
C ARG B 557 -6.57 36.78 9.20
CA CA C . 3.14 -8.30 16.58
#